data_5LKD
#
_entry.id   5LKD
#
_cell.length_a   55.440
_cell.length_b   82.440
_cell.length_c   80.580
_cell.angle_alpha   90.00
_cell.angle_beta   95.31
_cell.angle_gamma   90.00
#
_symmetry.space_group_name_H-M   'P 1 21 1'
#
loop_
_entity.id
_entity.type
_entity.pdbx_description
1 polymer 'Glutathione S-transferase omega-like 2'
2 non-polymer GLUTATHIONE
3 water water
#
_entity_poly.entity_id   1
_entity_poly.type   'polypeptide(L)'
_entity_poly.pdbx_seq_one_letter_code
;MSKQWASGTNGAFKRQVSSFRETISKQHPIYKPAKGRYWLYVSLACPWAHRTLITRALKGLTSVIGCSVVHWHLDEKGWR
FLDMEKQLEDSEDFLEHWHDVAGGIRTAKEDSSKSFAEIKNDSQRFMVDATNEPHYGYKRISDLYYKSDPQYSARFTVPV
LWDLETQTIVNNESSEIIRILNSSAFDEFVDDDHKKTDLVPAQLKTQIDDFNSWVYDSINNGVYKTGFAEKAEVYESEVN
NVFEHLDKVEKILSDKYSKLKAKYGEEDRQKILGEFFTVGDQLTEADIRLYTTVIRFDPVYVQHFKCNFTSIRAGYPFIH
LWVRNLYWNYDAFRYTTDFDHIKLHYTRSHTRINPLGITPLGPKPDIRPLLEHHHHHH
;
_entity_poly.pdbx_strand_id   A,B
#
loop_
_chem_comp.id
_chem_comp.type
_chem_comp.name
_chem_comp.formula
GSH non-polymer GLUTATHIONE 'C10 H17 N3 O6 S'
#
# COMPACT_ATOMS: atom_id res chain seq x y z
N GLY A 11 4.46 -0.10 -22.88
CA GLY A 11 3.43 0.50 -22.03
C GLY A 11 4.03 1.42 -20.95
N ALA A 12 4.90 2.36 -21.38
CA ALA A 12 5.54 3.34 -20.50
C ALA A 12 4.79 4.67 -20.55
N PHE A 13 5.02 5.51 -19.53
CA PHE A 13 4.35 6.78 -19.42
C PHE A 13 5.29 7.86 -19.90
N LYS A 14 4.86 8.61 -20.92
CA LYS A 14 5.68 9.64 -21.57
C LYS A 14 5.00 10.99 -21.35
N ARG A 15 5.48 11.73 -20.36
CA ARG A 15 4.87 13.00 -20.02
C ARG A 15 5.02 14.00 -21.17
N GLN A 16 3.91 14.67 -21.53
CA GLN A 16 3.94 15.76 -22.52
C GLN A 16 4.77 16.93 -22.03
N VAL A 17 5.40 17.62 -22.97
CA VAL A 17 6.16 18.83 -22.64
C VAL A 17 5.20 20.03 -22.60
N SER A 18 5.27 20.85 -21.55
CA SER A 18 4.44 22.05 -21.49
C SER A 18 4.70 23.07 -22.63
N SER A 19 3.62 23.68 -23.13
CA SER A 19 3.62 24.57 -24.28
C SER A 19 3.72 26.05 -23.94
N PHE A 20 3.46 26.47 -22.71
CA PHE A 20 3.47 27.91 -22.36
C PHE A 20 4.67 28.14 -21.44
N ARG A 21 5.69 28.85 -21.94
CA ARG A 21 6.98 28.92 -21.29
C ARG A 21 7.55 30.36 -21.17
N GLU A 22 6.70 31.36 -21.20
CA GLU A 22 7.11 32.75 -21.07
C GLU A 22 7.36 33.18 -19.62
N THR A 23 7.90 34.40 -19.50
CA THR A 23 8.31 34.96 -18.22
C THR A 23 7.65 36.30 -18.03
N ILE A 24 7.83 36.83 -16.83
CA ILE A 24 7.35 38.15 -16.39
C ILE A 24 8.58 38.97 -16.00
N SER A 25 8.68 40.22 -16.48
CA SER A 25 9.82 41.04 -16.06
C SER A 25 9.57 42.49 -16.48
N LYS A 26 10.31 43.39 -15.83
CA LYS A 26 10.18 44.82 -16.10
C LYS A 26 10.53 45.14 -17.55
N GLN A 27 11.56 44.45 -18.10
CA GLN A 27 11.98 44.65 -19.51
C GLN A 27 11.05 43.99 -20.55
N HIS A 28 10.19 43.06 -20.14
CA HIS A 28 9.37 42.29 -21.06
C HIS A 28 8.37 43.17 -21.80
N PRO A 29 8.17 42.96 -23.11
CA PRO A 29 7.23 43.83 -23.88
C PRO A 29 5.77 43.67 -23.54
N ILE A 30 5.37 42.54 -22.96
CA ILE A 30 3.96 42.23 -22.77
C ILE A 30 3.64 41.91 -21.31
N TYR A 31 4.48 41.16 -20.64
CA TYR A 31 4.14 40.60 -19.33
C TYR A 31 5.04 41.34 -18.35
N LYS A 32 4.54 42.46 -17.84
CA LYS A 32 5.31 43.21 -16.89
C LYS A 32 4.74 42.98 -15.49
N PRO A 33 5.53 43.21 -14.51
CA PRO A 33 5.04 42.92 -13.15
C PRO A 33 4.07 43.97 -12.67
N ALA A 34 3.12 43.54 -11.87
CA ALA A 34 2.11 44.38 -11.25
C ALA A 34 1.42 43.56 -10.19
N LYS A 35 0.89 44.24 -9.20
CA LYS A 35 -0.09 43.61 -8.31
C LYS A 35 -1.43 43.52 -9.02
N GLY A 36 -2.21 42.49 -8.65
CA GLY A 36 -3.55 42.36 -9.19
C GLY A 36 -3.66 42.01 -10.66
N ARG A 37 -2.60 41.50 -11.30
CA ARG A 37 -2.63 41.25 -12.75
C ARG A 37 -2.53 39.77 -13.08
N TYR A 38 -1.80 39.00 -12.28
CA TYR A 38 -1.57 37.60 -12.60
C TYR A 38 -2.28 36.71 -11.60
N TRP A 39 -2.62 35.51 -12.04
CA TRP A 39 -3.38 34.55 -11.22
C TRP A 39 -2.73 33.19 -11.34
N LEU A 40 -2.88 32.38 -10.29
CA LEU A 40 -2.27 31.06 -10.26
C LEU A 40 -3.42 30.09 -10.08
N TYR A 41 -3.68 29.26 -11.08
CA TYR A 41 -4.73 28.26 -11.03
C TYR A 41 -4.07 26.90 -10.77
N VAL A 42 -4.55 26.17 -9.74
CA VAL A 42 -3.84 24.98 -9.24
C VAL A 42 -4.84 23.90 -8.91
N SER A 43 -4.33 22.67 -8.75
CA SER A 43 -4.95 21.63 -7.96
C SER A 43 -4.10 21.45 -6.73
N LEU A 44 -4.74 21.26 -5.54
CA LEU A 44 -4.01 20.89 -4.35
C LEU A 44 -3.50 19.45 -4.37
N ALA A 45 -3.98 18.62 -5.27
CA ALA A 45 -3.53 17.23 -5.38
C ALA A 45 -2.20 17.11 -6.10
N CYS A 46 -1.93 18.04 -6.98
CA CYS A 46 -0.90 17.92 -8.03
C CYS A 46 0.43 18.39 -7.49
N PRO A 47 1.46 17.53 -7.43
CA PRO A 47 2.73 17.97 -6.83
C PRO A 47 3.40 19.11 -7.59
N TRP A 48 3.20 19.14 -8.89
CA TRP A 48 3.75 20.21 -9.72
C TRP A 48 3.15 21.55 -9.33
N ALA A 49 1.84 21.62 -9.28
CA ALA A 49 1.16 22.81 -8.83
C ALA A 49 1.52 23.13 -7.39
N HIS A 50 1.65 22.11 -6.55
CA HIS A 50 2.05 22.32 -5.18
C HIS A 50 3.34 23.11 -5.06
N ARG A 51 4.29 22.89 -5.96
CA ARG A 51 5.53 23.63 -5.89
C ARG A 51 5.24 25.10 -5.97
N THR A 52 4.27 25.48 -6.80
CA THR A 52 4.04 26.91 -7.04
C THR A 52 3.34 27.56 -5.84
N LEU A 53 2.50 26.80 -5.10
CA LEU A 53 1.89 27.32 -3.89
C LEU A 53 2.89 27.52 -2.78
N ILE A 54 3.84 26.60 -2.59
CA ILE A 54 4.84 26.78 -1.55
C ILE A 54 5.68 28.03 -1.82
N THR A 55 6.10 28.20 -3.07
CA THR A 55 7.00 29.25 -3.42
C THR A 55 6.28 30.60 -3.32
N ARG A 56 5.03 30.64 -3.75
CA ARG A 56 4.23 31.86 -3.64
C ARG A 56 4.12 32.31 -2.19
N ALA A 57 3.88 31.37 -1.29
CA ALA A 57 3.88 31.70 0.14
C ALA A 57 5.26 32.10 0.67
N LEU A 58 6.31 31.36 0.37
CA LEU A 58 7.63 31.73 0.88
C LEU A 58 8.10 33.07 0.38
N LYS A 59 7.70 33.45 -0.82
CA LYS A 59 8.15 34.72 -1.41
C LYS A 59 7.20 35.88 -1.10
N GLY A 60 6.16 35.63 -0.30
CA GLY A 60 5.24 36.67 0.14
C GLY A 60 4.36 37.25 -0.93
N LEU A 61 3.93 36.43 -1.89
CA LEU A 61 3.22 36.88 -3.07
C LEU A 61 1.75 36.58 -3.02
N THR A 62 1.21 36.22 -1.84
CA THR A 62 -0.19 35.81 -1.79
C THR A 62 -1.13 36.97 -2.08
N SER A 63 -0.77 38.22 -1.70
CA SER A 63 -1.69 39.29 -2.03
C SER A 63 -1.42 39.87 -3.40
N VAL A 64 -0.34 39.44 -4.04
CA VAL A 64 0.12 40.03 -5.32
C VAL A 64 -0.42 39.18 -6.45
N ILE A 65 -0.53 37.87 -6.23
CA ILE A 65 -1.02 36.92 -7.21
C ILE A 65 -2.10 36.08 -6.53
N GLY A 66 -3.32 36.24 -6.99
CA GLY A 66 -4.42 35.45 -6.50
C GLY A 66 -4.33 34.02 -6.94
N CYS A 67 -5.20 33.20 -6.35
CA CYS A 67 -5.15 31.75 -6.50
C CYS A 67 -6.56 31.16 -6.49
N SER A 68 -6.84 30.29 -7.44
CA SER A 68 -8.07 29.52 -7.48
C SER A 68 -7.70 28.05 -7.61
N VAL A 69 -8.63 27.17 -7.22
CA VAL A 69 -8.31 25.76 -7.00
C VAL A 69 -9.39 24.91 -7.67
N VAL A 70 -8.98 24.04 -8.61
CA VAL A 70 -9.83 23.14 -9.28
C VAL A 70 -10.23 22.00 -8.36
N HIS A 71 -11.30 21.34 -8.74
CA HIS A 71 -11.76 20.14 -8.03
C HIS A 71 -10.70 19.03 -8.07
N TRP A 72 -10.69 18.23 -7.02
CA TRP A 72 -9.76 17.09 -6.95
C TRP A 72 -10.14 16.00 -7.95
N HIS A 73 -11.40 15.92 -8.40
CA HIS A 73 -11.78 14.84 -9.29
C HIS A 73 -11.45 15.18 -10.75
N LEU A 74 -10.68 14.33 -11.43
CA LEU A 74 -10.31 14.59 -12.82
C LEU A 74 -11.06 13.59 -13.70
N ASP A 75 -12.11 14.05 -14.42
CA ASP A 75 -12.81 13.25 -15.42
C ASP A 75 -12.27 13.52 -16.82
N GLU A 76 -12.89 12.87 -17.82
CA GLU A 76 -12.41 12.88 -19.21
C GLU A 76 -12.38 14.29 -19.79
N LYS A 77 -13.11 15.23 -19.24
CA LYS A 77 -13.09 16.61 -19.74
C LYS A 77 -12.12 17.53 -19.00
N GLY A 78 -11.31 17.00 -18.08
CA GLY A 78 -10.25 17.76 -17.47
C GLY A 78 -10.64 18.47 -16.20
N TRP A 79 -9.69 19.19 -15.65
CA TRP A 79 -9.94 19.85 -14.39
C TRP A 79 -11.10 20.81 -14.51
N ARG A 80 -11.89 20.86 -13.43
CA ARG A 80 -13.07 21.69 -13.36
C ARG A 80 -13.12 22.52 -12.08
N PHE A 81 -13.98 23.55 -12.14
CA PHE A 81 -14.26 24.47 -11.04
C PHE A 81 -15.69 24.28 -10.54
N LEU A 82 -15.97 24.77 -9.32
CA LEU A 82 -17.35 24.84 -8.84
C LEU A 82 -17.95 26.22 -9.14
N ASP A 83 -19.25 26.26 -9.41
CA ASP A 83 -19.95 27.55 -9.50
C ASP A 83 -20.05 28.32 -8.17
N PHE A 94 -14.45 36.53 -0.20
CA PHE A 94 -13.69 36.06 -1.36
C PHE A 94 -12.30 36.71 -1.43
N LEU A 95 -12.14 37.98 -0.98
CA LEU A 95 -10.81 38.60 -1.06
C LEU A 95 -9.82 37.87 -0.13
N GLU A 96 -10.28 37.42 1.05
CA GLU A 96 -9.44 36.54 1.89
C GLU A 96 -9.10 35.21 1.17
N HIS A 97 -10.05 34.63 0.42
CA HIS A 97 -9.83 33.35 -0.25
C HIS A 97 -8.79 33.49 -1.36
N TRP A 98 -8.94 34.50 -2.25
CA TRP A 98 -8.01 34.65 -3.36
C TRP A 98 -6.58 34.86 -2.90
N HIS A 99 -6.39 35.51 -1.76
CA HIS A 99 -5.05 35.79 -1.24
C HIS A 99 -4.61 34.87 -0.12
N ASP A 100 -5.32 33.75 0.08
CA ASP A 100 -4.93 32.68 1.00
C ASP A 100 -3.88 31.78 0.31
N VAL A 101 -3.00 31.19 1.11
CA VAL A 101 -1.97 30.31 0.56
C VAL A 101 -2.50 29.12 -0.21
N ALA A 102 -3.75 28.68 0.03
CA ALA A 102 -4.38 27.56 -0.66
C ALA A 102 -5.70 27.98 -1.26
N GLY A 103 -5.81 29.25 -1.67
CA GLY A 103 -7.01 29.72 -2.36
C GLY A 103 -8.24 29.74 -1.51
N GLY A 104 -8.09 29.58 -0.19
CA GLY A 104 -9.19 29.49 0.73
C GLY A 104 -9.75 28.11 0.98
N ILE A 105 -9.21 27.05 0.35
CA ILE A 105 -9.75 25.71 0.58
C ILE A 105 -9.60 25.28 2.03
N ARG A 106 -10.70 24.89 2.68
CA ARG A 106 -10.59 24.68 4.14
C ARG A 106 -9.76 23.43 4.54
N THR A 107 -9.78 22.35 3.77
CA THR A 107 -9.02 21.18 4.18
C THR A 107 -7.51 21.42 4.16
N ALA A 108 -7.00 22.34 3.33
CA ALA A 108 -5.55 22.54 3.39
C ALA A 108 -5.09 22.98 4.77
N LYS A 109 -5.98 23.54 5.59
CA LYS A 109 -5.57 23.97 6.93
C LYS A 109 -5.48 22.80 7.90
N GLU A 110 -6.02 21.63 7.53
CA GLU A 110 -6.00 20.41 8.37
C GLU A 110 -4.69 19.62 8.22
N ASP A 111 -4.30 18.89 9.28
CA ASP A 111 -3.04 18.14 9.23
C ASP A 111 -3.25 16.68 8.89
N SER A 112 -4.48 16.28 8.64
CA SER A 112 -4.82 14.90 8.31
C SER A 112 -6.19 14.84 7.65
N SER A 113 -6.30 13.90 6.71
CA SER A 113 -7.53 13.50 6.07
C SER A 113 -8.42 12.72 7.04
N LYS A 114 -9.73 12.67 6.74
CA LYS A 114 -10.69 11.92 7.55
C LYS A 114 -11.40 10.92 6.65
N SER A 115 -12.64 10.52 6.98
CA SER A 115 -13.42 9.57 6.19
C SER A 115 -13.68 10.09 4.77
N PHE A 116 -13.75 9.17 3.80
CA PHE A 116 -14.04 9.53 2.43
C PHE A 116 -15.34 8.95 1.88
N ALA A 117 -15.93 7.94 2.54
CA ALA A 117 -17.00 7.22 1.87
C ALA A 117 -18.20 8.10 1.51
N GLU A 118 -18.48 9.12 2.30
CA GLU A 118 -19.64 9.94 2.04
C GLU A 118 -19.35 11.01 0.99
N ILE A 119 -18.11 11.16 0.60
CA ILE A 119 -17.73 12.11 -0.44
C ILE A 119 -17.85 11.42 -1.79
N LYS A 120 -18.79 11.85 -2.63
CA LYS A 120 -18.91 11.31 -3.97
C LYS A 120 -18.06 12.14 -4.96
N ASN A 121 -17.84 11.58 -6.14
CA ASN A 121 -16.98 12.21 -7.17
C ASN A 121 -17.64 13.46 -7.74
N ASP A 122 -18.94 13.63 -7.56
CA ASP A 122 -19.58 14.88 -7.96
C ASP A 122 -19.80 15.83 -6.79
N SER A 123 -19.09 15.62 -5.68
CA SER A 123 -19.27 16.45 -4.51
C SER A 123 -19.08 17.91 -4.88
N GLN A 124 -19.94 18.78 -4.34
CA GLN A 124 -19.97 20.19 -4.71
C GLN A 124 -19.89 21.08 -3.48
N ARG A 125 -18.95 20.79 -2.58
CA ARG A 125 -18.81 21.56 -1.35
C ARG A 125 -17.96 22.80 -1.58
N PHE A 126 -18.62 23.94 -1.77
CA PHE A 126 -17.87 25.15 -2.11
C PHE A 126 -16.85 25.48 -1.04
N MET A 127 -15.64 25.82 -1.49
CA MET A 127 -14.45 26.11 -0.69
C MET A 127 -13.96 24.89 0.11
N VAL A 128 -14.43 23.69 -0.23
CA VAL A 128 -13.92 22.44 0.32
C VAL A 128 -13.40 21.56 -0.82
N ASP A 129 -14.24 21.23 -1.81
CA ASP A 129 -13.81 20.44 -2.94
C ASP A 129 -13.05 21.27 -4.01
N ALA A 130 -13.40 22.54 -4.13
CA ALA A 130 -12.88 23.42 -5.18
C ALA A 130 -13.36 24.84 -4.92
N THR A 131 -12.72 25.79 -5.64
CA THR A 131 -13.19 27.17 -5.73
C THR A 131 -13.87 27.31 -7.09
N ASN A 132 -14.44 28.50 -7.30
CA ASN A 132 -14.85 28.87 -8.63
C ASN A 132 -13.66 29.41 -9.43
N GLU A 133 -13.92 29.66 -10.70
CA GLU A 133 -13.03 30.41 -11.57
C GLU A 133 -13.60 31.81 -11.56
N PRO A 134 -13.01 32.75 -10.81
CA PRO A 134 -13.75 33.95 -10.39
C PRO A 134 -13.70 35.07 -11.41
N HIS A 135 -12.89 34.96 -12.45
CA HIS A 135 -12.83 36.07 -13.41
C HIS A 135 -13.83 35.94 -14.56
N TYR A 136 -13.98 34.76 -15.13
CA TYR A 136 -14.85 34.56 -16.25
C TYR A 136 -16.00 33.63 -15.96
N GLY A 137 -16.02 33.04 -14.77
CA GLY A 137 -16.98 32.01 -14.44
C GLY A 137 -16.82 30.69 -15.15
N TYR A 138 -15.66 30.39 -15.74
CA TYR A 138 -15.48 29.15 -16.49
C TYR A 138 -15.63 27.93 -15.58
N LYS A 139 -16.16 26.86 -16.15
CA LYS A 139 -16.32 25.59 -15.44
C LYS A 139 -15.17 24.64 -15.69
N ARG A 140 -14.32 24.90 -16.69
CA ARG A 140 -13.27 23.97 -17.07
C ARG A 140 -11.98 24.75 -17.25
N ILE A 141 -10.88 24.17 -16.79
CA ILE A 141 -9.60 24.79 -17.09
C ILE A 141 -9.35 24.84 -18.60
N SER A 142 -9.86 23.89 -19.32
CA SER A 142 -9.72 23.91 -20.78
C SER A 142 -10.21 25.24 -21.33
N ASP A 143 -11.15 25.91 -20.67
CA ASP A 143 -11.63 27.21 -21.15
C ASP A 143 -10.52 28.25 -21.17
N LEU A 144 -9.70 28.27 -20.11
CA LEU A 144 -8.55 29.17 -20.07
C LEU A 144 -7.58 28.84 -21.21
N TYR A 145 -7.36 27.55 -21.46
CA TYR A 145 -6.41 27.16 -22.48
C TYR A 145 -6.87 27.65 -23.88
N TYR A 146 -8.15 27.50 -24.19
CA TYR A 146 -8.71 27.90 -25.49
C TYR A 146 -8.88 29.39 -25.63
N LYS A 147 -9.13 30.10 -24.52
CA LYS A 147 -9.09 31.56 -24.56
C LYS A 147 -7.71 32.03 -24.96
N SER A 148 -6.66 31.38 -24.42
CA SER A 148 -5.28 31.78 -24.73
C SER A 148 -4.91 31.40 -26.17
N ASP A 149 -5.31 30.21 -26.63
CA ASP A 149 -4.90 29.68 -27.93
C ASP A 149 -6.03 28.80 -28.39
N PRO A 150 -6.93 29.31 -29.24
CA PRO A 150 -8.03 28.48 -29.75
C PRO A 150 -7.57 27.23 -30.47
N GLN A 151 -6.32 27.16 -30.90
CA GLN A 151 -5.80 26.00 -31.59
C GLN A 151 -5.04 25.04 -30.67
N TYR A 152 -5.12 25.24 -29.34
CA TYR A 152 -4.43 24.32 -28.45
C TYR A 152 -4.96 22.90 -28.60
N SER A 153 -4.04 21.95 -28.63
CA SER A 153 -4.37 20.55 -28.75
C SER A 153 -3.42 19.70 -27.92
N ALA A 154 -3.04 20.16 -26.75
CA ALA A 154 -2.33 19.27 -25.82
C ALA A 154 -3.19 19.07 -24.55
N ARG A 155 -2.58 18.54 -23.51
CA ARG A 155 -3.37 18.27 -22.31
C ARG A 155 -3.54 19.58 -21.54
N PHE A 156 -4.61 19.64 -20.75
CA PHE A 156 -5.01 20.82 -20.02
C PHE A 156 -4.52 20.74 -18.57
N THR A 157 -3.26 21.13 -18.35
CA THR A 157 -2.61 20.75 -17.11
C THR A 157 -2.70 21.89 -16.13
N VAL A 158 -2.52 21.57 -14.83
CA VAL A 158 -2.17 22.57 -13.82
C VAL A 158 -0.68 22.40 -13.40
N PRO A 159 0.00 23.46 -12.89
CA PRO A 159 -0.44 24.83 -12.62
C PRO A 159 -0.56 25.69 -13.90
N VAL A 160 -1.35 26.76 -13.84
CA VAL A 160 -1.43 27.77 -14.89
C VAL A 160 -1.17 29.09 -14.22
N LEU A 161 -0.17 29.84 -14.72
CA LEU A 161 0.06 31.24 -14.39
C LEU A 161 -0.55 32.07 -15.51
N TRP A 162 -1.55 32.86 -15.14
CA TRP A 162 -2.49 33.51 -16.03
C TRP A 162 -2.28 35.01 -15.94
N ASP A 163 -2.40 35.70 -17.11
CA ASP A 163 -2.32 37.16 -17.18
C ASP A 163 -3.74 37.66 -17.46
N LEU A 164 -4.30 38.39 -16.48
CA LEU A 164 -5.62 39.02 -16.61
C LEU A 164 -5.66 40.04 -17.75
N GLU A 165 -4.55 40.70 -18.01
CA GLU A 165 -4.61 41.80 -19.00
C GLU A 165 -4.75 41.27 -20.43
N THR A 166 -3.83 40.38 -20.87
CA THR A 166 -3.94 39.80 -22.20
C THR A 166 -4.86 38.58 -22.29
N GLN A 167 -5.32 38.03 -21.15
CA GLN A 167 -6.14 36.83 -21.11
C GLN A 167 -5.42 35.65 -21.76
N THR A 168 -4.15 35.46 -21.38
CA THR A 168 -3.36 34.34 -21.89
C THR A 168 -2.73 33.55 -20.73
N ILE A 169 -2.21 32.38 -21.07
CA ILE A 169 -1.38 31.59 -20.17
C ILE A 169 0.03 32.07 -20.40
N VAL A 170 0.61 32.69 -19.38
CA VAL A 170 2.02 33.06 -19.36
C VAL A 170 2.90 31.83 -19.32
N ASN A 171 2.66 30.94 -18.32
CA ASN A 171 3.52 29.80 -18.18
C ASN A 171 2.76 28.67 -17.50
N ASN A 172 2.88 27.45 -18.03
CA ASN A 172 2.25 26.29 -17.38
C ASN A 172 3.26 25.19 -17.13
N GLU A 173 4.49 25.59 -16.84
CA GLU A 173 5.57 24.69 -16.44
C GLU A 173 5.99 25.06 -15.02
N SER A 174 5.68 24.20 -14.05
CA SER A 174 5.97 24.51 -12.65
C SER A 174 7.43 24.85 -12.38
N SER A 175 8.37 24.17 -13.07
CA SER A 175 9.77 24.45 -12.81
C SER A 175 10.12 25.89 -13.19
N GLU A 176 9.39 26.47 -14.15
CA GLU A 176 9.66 27.88 -14.53
C GLU A 176 8.86 28.87 -13.69
N ILE A 177 7.59 28.56 -13.43
CA ILE A 177 6.77 29.39 -12.57
C ILE A 177 7.50 29.65 -11.28
N ILE A 178 8.12 28.62 -10.66
CA ILE A 178 8.76 28.90 -9.37
C ILE A 178 10.03 29.75 -9.52
N ARG A 179 10.66 29.76 -10.71
CA ARG A 179 11.79 30.66 -10.89
C ARG A 179 11.28 32.08 -11.10
N ILE A 180 10.17 32.21 -11.82
CA ILE A 180 9.53 33.53 -11.95
C ILE A 180 9.20 34.05 -10.55
N LEU A 181 8.57 33.22 -9.72
CA LEU A 181 8.13 33.71 -8.41
C LEU A 181 9.29 34.13 -7.53
N ASN A 182 10.41 33.40 -7.58
CA ASN A 182 11.61 33.69 -6.80
C ASN A 182 12.44 34.86 -7.37
N SER A 183 12.22 35.23 -8.60
CA SER A 183 13.01 36.23 -9.28
C SER A 183 12.71 37.61 -8.71
N SER A 184 13.40 38.65 -9.25
CA SER A 184 13.14 40.00 -8.70
C SER A 184 11.85 40.61 -9.25
N ALA A 185 11.16 39.93 -10.16
CA ALA A 185 10.01 40.52 -10.87
C ALA A 185 9.04 41.23 -9.96
N PHE A 186 8.63 40.59 -8.84
CA PHE A 186 7.57 41.17 -8.04
C PHE A 186 8.10 41.94 -6.82
N ASP A 187 9.42 42.24 -6.76
CA ASP A 187 10.04 42.82 -5.58
C ASP A 187 9.42 44.15 -5.21
N GLU A 188 8.86 44.89 -6.17
CA GLU A 188 8.27 46.18 -5.77
C GLU A 188 7.05 46.00 -4.88
N PHE A 189 6.46 44.79 -4.84
CA PHE A 189 5.14 44.61 -4.29
C PHE A 189 5.13 43.82 -3.00
N VAL A 190 6.31 43.51 -2.46
CA VAL A 190 6.45 42.71 -1.22
C VAL A 190 7.31 43.46 -0.19
N ASP A 191 7.22 42.98 1.07
CA ASP A 191 8.03 43.50 2.15
C ASP A 191 9.48 43.07 1.96
N ASP A 192 10.40 43.83 2.57
CA ASP A 192 11.82 43.60 2.34
C ASP A 192 12.30 42.25 2.90
N ASP A 193 11.60 41.65 3.87
CA ASP A 193 12.06 40.34 4.35
C ASP A 193 11.81 39.26 3.32
N HIS A 194 10.65 39.33 2.67
CA HIS A 194 10.33 38.40 1.60
C HIS A 194 11.17 38.64 0.34
N LYS A 195 11.41 39.91 -0.02
CA LYS A 195 12.28 40.22 -1.16
C LYS A 195 13.61 39.49 -0.99
N LYS A 196 14.12 39.46 0.24
CA LYS A 196 15.48 38.99 0.46
C LYS A 196 15.55 37.47 0.37
N THR A 197 14.45 36.80 0.65
CA THR A 197 14.41 35.36 0.51
C THR A 197 14.78 34.98 -0.92
N ASP A 198 15.73 34.07 -1.06
CA ASP A 198 16.22 33.59 -2.33
C ASP A 198 16.28 32.07 -2.26
N LEU A 199 15.43 31.42 -3.04
CA LEU A 199 15.34 29.97 -3.09
C LEU A 199 16.33 29.35 -4.05
N VAL A 200 17.09 30.19 -4.79
CA VAL A 200 18.08 29.67 -5.72
C VAL A 200 19.33 30.54 -5.62
N PRO A 201 19.99 30.57 -4.47
CA PRO A 201 21.20 31.39 -4.31
C PRO A 201 22.30 30.98 -5.30
N ALA A 202 23.07 31.98 -5.77
CA ALA A 202 24.07 31.72 -6.80
C ALA A 202 25.08 30.69 -6.35
N GLN A 203 25.53 30.81 -5.11
CA GLN A 203 26.52 29.88 -4.56
C GLN A 203 26.04 28.45 -4.62
N LEU A 204 24.71 28.23 -4.64
CA LEU A 204 24.13 26.87 -4.68
C LEU A 204 23.49 26.47 -6.00
N LYS A 205 23.47 27.37 -7.01
CA LYS A 205 22.58 27.18 -8.16
C LYS A 205 22.93 25.94 -8.93
N THR A 206 24.23 25.66 -9.13
CA THR A 206 24.57 24.51 -9.96
C THR A 206 24.28 23.22 -9.19
N GLN A 207 24.57 23.20 -7.88
CA GLN A 207 24.19 22.07 -7.03
C GLN A 207 22.68 21.86 -7.02
N ILE A 208 21.91 22.95 -6.93
CA ILE A 208 20.45 22.85 -7.02
C ILE A 208 20.04 22.24 -8.36
N ASP A 209 20.60 22.72 -9.45
CA ASP A 209 20.21 22.21 -10.76
C ASP A 209 20.64 20.75 -10.95
N ASP A 210 21.80 20.38 -10.45
CA ASP A 210 22.26 18.99 -10.54
C ASP A 210 21.32 18.08 -9.76
N PHE A 211 21.00 18.46 -8.51
CA PHE A 211 20.14 17.65 -7.67
C PHE A 211 18.75 17.54 -8.26
N ASN A 212 18.17 18.67 -8.67
CA ASN A 212 16.87 18.68 -9.33
C ASN A 212 16.80 17.73 -10.52
N SER A 213 17.84 17.70 -11.34
CA SER A 213 17.77 16.92 -12.57
C SER A 213 17.52 15.43 -12.30
N TRP A 214 18.29 14.83 -11.38
CA TRP A 214 18.15 13.40 -11.13
C TRP A 214 16.95 13.11 -10.25
N VAL A 215 16.61 14.03 -9.35
CA VAL A 215 15.40 13.84 -8.57
C VAL A 215 14.18 13.95 -9.44
N TYR A 216 14.24 14.78 -10.49
CA TYR A 216 13.11 14.88 -11.41
C TYR A 216 12.83 13.54 -12.08
N ASP A 217 13.85 12.92 -12.69
CA ASP A 217 13.61 11.76 -13.52
C ASP A 217 13.29 10.53 -12.68
N SER A 218 13.84 10.45 -11.48
CA SER A 218 13.80 9.23 -10.72
C SER A 218 12.82 9.24 -9.56
N ILE A 219 12.41 10.41 -9.11
CA ILE A 219 11.50 10.50 -7.95
C ILE A 219 10.25 11.31 -8.33
N ASN A 220 10.43 12.60 -8.69
CA ASN A 220 9.25 13.42 -8.98
C ASN A 220 8.42 12.76 -10.06
N ASN A 221 9.07 12.52 -11.21
CA ASN A 221 8.43 11.80 -12.29
C ASN A 221 8.58 10.29 -12.17
N GLY A 222 9.60 9.82 -11.46
CA GLY A 222 9.77 8.39 -11.31
C GLY A 222 8.56 7.68 -10.73
N VAL A 223 7.90 8.30 -9.73
CA VAL A 223 6.71 7.63 -9.14
C VAL A 223 5.58 7.53 -10.18
N TYR A 224 5.46 8.51 -11.10
CA TYR A 224 4.45 8.43 -12.14
C TYR A 224 4.80 7.39 -13.22
N LYS A 225 6.07 7.32 -13.66
CA LYS A 225 6.47 6.25 -14.60
C LYS A 225 6.26 4.85 -14.02
N THR A 226 6.35 4.74 -12.71
CA THR A 226 6.07 3.51 -11.98
C THR A 226 4.57 3.25 -11.91
N GLY A 227 3.78 4.20 -11.37
CA GLY A 227 2.36 3.97 -11.17
C GLY A 227 1.51 3.84 -12.42
N PHE A 228 1.85 4.58 -13.47
CA PHE A 228 1.15 4.58 -14.75
C PHE A 228 1.71 3.54 -15.71
N ALA A 229 2.79 2.85 -15.35
CA ALA A 229 3.23 1.76 -16.23
C ALA A 229 2.10 0.77 -16.41
N GLU A 230 1.89 0.33 -17.67
CA GLU A 230 0.88 -0.66 -17.98
C GLU A 230 1.46 -2.02 -18.34
N LYS A 231 2.76 -2.16 -18.31
CA LYS A 231 3.42 -3.43 -18.48
C LYS A 231 4.28 -3.68 -17.25
N ALA A 232 4.29 -4.91 -16.74
CA ALA A 232 5.00 -5.15 -15.47
C ALA A 232 6.49 -4.97 -15.60
N GLU A 233 7.05 -5.23 -16.79
CA GLU A 233 8.47 -4.99 -16.98
C GLU A 233 8.84 -3.53 -16.71
N VAL A 234 8.04 -2.61 -17.20
CA VAL A 234 8.33 -1.19 -17.02
C VAL A 234 8.08 -0.76 -15.58
N TYR A 235 7.00 -1.27 -14.98
CA TYR A 235 6.74 -1.07 -13.54
C TYR A 235 7.97 -1.46 -12.72
N GLU A 236 8.54 -2.62 -12.97
CA GLU A 236 9.61 -3.11 -12.15
C GLU A 236 10.84 -2.25 -12.34
N SER A 237 11.15 -1.91 -13.60
CA SER A 237 12.30 -1.09 -13.81
C SER A 237 12.19 0.23 -13.06
N GLU A 238 11.02 0.85 -13.09
CA GLU A 238 10.86 2.23 -12.62
C GLU A 238 10.76 2.23 -11.14
N VAL A 239 10.13 1.21 -10.56
CA VAL A 239 10.04 1.23 -9.11
C VAL A 239 11.40 0.97 -8.47
N ASN A 240 12.21 0.10 -9.07
CA ASN A 240 13.57 -0.12 -8.58
C ASN A 240 14.36 1.19 -8.64
N ASN A 241 14.13 1.93 -9.71
CA ASN A 241 14.80 3.21 -9.94
C ASN A 241 14.36 4.26 -8.92
N VAL A 242 13.08 4.30 -8.57
CA VAL A 242 12.64 5.21 -7.52
C VAL A 242 13.41 4.94 -6.24
N PHE A 243 13.42 3.68 -5.80
CA PHE A 243 13.97 3.40 -4.48
C PHE A 243 15.48 3.49 -4.49
N GLU A 244 16.12 3.25 -5.64
CA GLU A 244 17.57 3.44 -5.71
C GLU A 244 17.92 4.91 -5.48
N HIS A 245 17.09 5.84 -5.97
CA HIS A 245 17.38 7.25 -5.82
C HIS A 245 16.87 7.84 -4.53
N LEU A 246 15.86 7.27 -3.90
CA LEU A 246 15.59 7.64 -2.53
C LEU A 246 16.76 7.30 -1.65
N ASP A 247 17.40 6.15 -1.92
CA ASP A 247 18.56 5.78 -1.13
C ASP A 247 19.64 6.84 -1.23
N LYS A 248 19.75 7.44 -2.41
CA LYS A 248 20.75 8.49 -2.62
C LYS A 248 20.41 9.73 -1.84
N VAL A 249 19.11 10.13 -1.80
CA VAL A 249 18.69 11.26 -0.99
C VAL A 249 18.96 10.97 0.48
N GLU A 250 18.59 9.75 0.93
CA GLU A 250 18.76 9.35 2.33
C GLU A 250 20.22 9.51 2.74
N LYS A 251 21.14 9.06 1.85
CA LYS A 251 22.57 9.13 2.09
C LYS A 251 23.04 10.57 2.21
N ILE A 252 22.54 11.46 1.33
CA ILE A 252 22.90 12.86 1.37
C ILE A 252 22.46 13.46 2.69
N LEU A 253 21.21 13.17 3.09
CA LEU A 253 20.71 13.72 4.35
C LEU A 253 21.37 13.11 5.57
N SER A 254 21.68 11.79 5.54
CA SER A 254 22.36 11.18 6.68
C SER A 254 23.74 11.80 6.90
N ASP A 255 24.51 11.93 5.84
CA ASP A 255 25.82 12.58 5.95
C ASP A 255 25.67 14.01 6.45
N LYS A 256 24.70 14.75 5.91
CA LYS A 256 24.47 16.11 6.39
C LYS A 256 24.09 16.13 7.87
N TYR A 257 23.28 15.19 8.31
CA TYR A 257 22.90 15.20 9.71
C TYR A 257 24.10 14.91 10.60
N SER A 258 24.95 14.01 10.14
CA SER A 258 26.13 13.63 10.92
C SER A 258 27.01 14.85 11.15
N LYS A 259 27.20 15.65 10.11
CA LYS A 259 28.02 16.87 10.19
C LYS A 259 27.39 17.90 11.10
N LEU A 260 26.05 18.05 11.05
CA LEU A 260 25.36 18.96 11.95
C LEU A 260 25.46 18.48 13.40
N LYS A 261 25.30 17.17 13.61
CA LYS A 261 25.48 16.61 14.95
C LYS A 261 26.86 16.94 15.49
N ALA A 262 27.89 16.84 14.63
CA ALA A 262 29.26 17.17 15.05
C ALA A 262 29.39 18.65 15.38
N LYS A 263 28.78 19.49 14.57
CA LYS A 263 28.91 20.93 14.69
C LYS A 263 28.25 21.44 15.96
N TYR A 264 27.04 20.96 16.24
CA TYR A 264 26.20 21.54 17.28
C TYR A 264 25.87 20.59 18.41
N GLY A 265 26.18 19.30 18.28
CA GLY A 265 25.78 18.35 19.28
C GLY A 265 24.36 17.82 19.12
N GLU A 266 24.19 16.51 19.28
CA GLU A 266 22.89 15.91 19.06
C GLU A 266 21.79 16.58 19.88
N GLU A 267 22.13 17.16 21.06
CA GLU A 267 21.12 17.70 21.96
C GLU A 267 20.50 19.00 21.44
N ASP A 268 21.09 19.60 20.43
CA ASP A 268 20.62 20.91 19.97
C ASP A 268 19.79 20.74 18.70
N ARG A 269 18.65 20.10 18.88
CA ARG A 269 17.87 19.65 17.75
C ARG A 269 17.40 20.82 16.93
N GLN A 270 17.17 21.97 17.59
CA GLN A 270 16.64 23.12 16.87
C GLN A 270 17.69 23.79 15.99
N LYS A 271 18.96 23.84 16.42
CA LYS A 271 19.97 24.40 15.53
C LYS A 271 20.27 23.44 14.40
N ILE A 272 20.18 22.13 14.68
CA ILE A 272 20.41 21.14 13.64
C ILE A 272 19.35 21.24 12.56
N LEU A 273 18.08 21.25 12.95
CA LEU A 273 17.02 21.29 11.94
C LEU A 273 17.04 22.59 11.14
N GLY A 274 17.47 23.69 11.79
CA GLY A 274 17.63 24.95 11.07
C GLY A 274 18.56 24.91 9.88
N GLU A 275 19.40 23.87 9.75
CA GLU A 275 20.31 23.79 8.61
C GLU A 275 20.18 22.48 7.85
N PHE A 276 19.10 21.74 8.11
CA PHE A 276 18.96 20.36 7.66
C PHE A 276 18.18 20.35 6.35
N PHE A 277 18.92 20.55 5.25
CA PHE A 277 18.31 20.64 3.92
C PHE A 277 19.12 19.84 2.90
N THR A 278 18.51 19.67 1.74
CA THR A 278 19.09 18.79 0.74
C THR A 278 20.35 19.38 0.13
N VAL A 279 20.35 20.69 -0.08
CA VAL A 279 21.42 21.39 -0.77
C VAL A 279 21.87 22.53 0.13
N GLY A 280 23.13 22.50 0.53
CA GLY A 280 23.62 23.60 1.30
C GLY A 280 23.09 23.56 2.70
N ASP A 281 23.00 24.71 3.34
CA ASP A 281 22.57 24.76 4.73
C ASP A 281 21.38 25.68 4.90
N GLN A 282 20.64 25.90 3.82
CA GLN A 282 19.44 26.74 3.83
C GLN A 282 18.36 26.09 2.98
N LEU A 283 17.13 26.53 3.21
CA LEU A 283 16.00 26.08 2.40
C LEU A 283 16.13 26.62 0.99
N THR A 284 15.99 25.74 0.02
CA THR A 284 16.07 26.07 -1.39
C THR A 284 14.99 25.36 -2.21
N GLU A 285 14.86 25.81 -3.47
CA GLU A 285 13.96 25.16 -4.42
C GLU A 285 14.17 23.64 -4.51
N ALA A 286 15.40 23.16 -4.25
CA ALA A 286 15.62 21.74 -4.25
C ALA A 286 14.74 21.05 -3.18
N ASP A 287 14.54 21.71 -2.03
CA ASP A 287 13.74 21.11 -0.98
C ASP A 287 12.28 21.14 -1.37
N ILE A 288 11.87 22.22 -2.01
CA ILE A 288 10.47 22.36 -2.40
C ILE A 288 10.10 21.30 -3.41
N ARG A 289 10.98 21.08 -4.36
CA ARG A 289 10.62 20.16 -5.43
C ARG A 289 10.61 18.74 -4.94
N LEU A 290 11.53 18.40 -4.02
CA LEU A 290 11.52 17.05 -3.48
C LEU A 290 10.32 16.85 -2.56
N TYR A 291 10.00 17.87 -1.77
CA TYR A 291 8.93 17.76 -0.77
C TYR A 291 7.61 17.37 -1.41
N THR A 292 7.28 17.93 -2.56
CA THR A 292 5.93 17.73 -3.07
C THR A 292 5.71 16.24 -3.44
N THR A 293 6.78 15.54 -3.77
CA THR A 293 6.73 14.09 -3.93
C THR A 293 6.72 13.35 -2.59
N VAL A 294 7.66 13.68 -1.69
CA VAL A 294 7.83 12.91 -0.44
C VAL A 294 6.58 13.01 0.42
N ILE A 295 5.92 14.19 0.44
CA ILE A 295 4.74 14.37 1.30
C ILE A 295 3.53 13.59 0.79
N ARG A 296 3.51 13.25 -0.50
CA ARG A 296 2.54 12.37 -1.10
C ARG A 296 2.90 10.89 -1.05
N PHE A 297 4.15 10.55 -0.75
CA PHE A 297 4.62 9.19 -0.95
C PHE A 297 3.88 8.19 -0.06
N ASP A 298 3.87 8.43 1.28
CA ASP A 298 3.14 7.49 2.16
C ASP A 298 1.61 7.59 2.02
N PRO A 299 1.00 8.78 1.86
CA PRO A 299 -0.47 8.80 1.72
C PRO A 299 -1.02 8.16 0.47
N VAL A 300 -0.30 8.23 -0.64
CA VAL A 300 -0.77 7.75 -1.94
C VAL A 300 0.21 6.88 -2.66
N TYR A 301 1.48 7.29 -2.86
CA TYR A 301 2.22 6.62 -3.92
C TYR A 301 2.56 5.16 -3.58
N VAL A 302 2.74 4.84 -2.29
CA VAL A 302 2.99 3.47 -1.83
C VAL A 302 1.88 2.52 -2.29
N GLN A 303 0.64 2.83 -1.95
CA GLN A 303 -0.46 1.93 -2.26
C GLN A 303 -0.90 2.05 -3.69
N HIS A 304 -1.04 3.29 -4.15
CA HIS A 304 -1.73 3.60 -5.38
C HIS A 304 -0.85 3.46 -6.61
N PHE A 305 0.43 3.89 -6.49
CA PHE A 305 1.38 3.70 -7.56
C PHE A 305 2.28 2.52 -7.29
N LYS A 306 1.99 1.70 -6.25
CA LYS A 306 2.75 0.47 -6.02
C LYS A 306 4.24 0.74 -5.77
N CYS A 307 4.55 1.89 -5.14
CA CYS A 307 5.92 2.29 -4.82
C CYS A 307 6.20 1.84 -3.38
N ASN A 308 6.33 0.49 -3.20
CA ASN A 308 6.06 -0.03 -1.86
C ASN A 308 7.10 -1.02 -1.38
N PHE A 309 8.38 -0.85 -1.80
CA PHE A 309 9.44 -1.60 -1.11
C PHE A 309 9.42 -1.35 0.38
N THR A 310 9.19 -0.12 0.75
CA THR A 310 9.07 0.39 2.09
C THR A 310 8.38 1.75 1.97
N SER A 311 8.08 2.33 3.12
CA SER A 311 7.53 3.67 3.19
C SER A 311 8.60 4.64 3.63
N ILE A 312 8.35 5.92 3.45
CA ILE A 312 9.25 6.94 4.04
C ILE A 312 9.33 6.76 5.54
N ARG A 313 8.18 6.70 6.19
CA ARG A 313 8.13 6.65 7.64
C ARG A 313 8.83 5.42 8.21
N ALA A 314 8.72 4.29 7.52
CA ALA A 314 9.35 3.08 8.02
C ALA A 314 10.77 2.88 7.57
N GLY A 315 11.15 3.37 6.37
CA GLY A 315 12.36 2.91 5.78
C GLY A 315 13.40 3.97 5.56
N TYR A 316 13.06 5.28 5.71
CA TYR A 316 13.96 6.34 5.33
C TYR A 316 13.98 7.37 6.45
N PRO A 317 14.71 7.08 7.53
CA PRO A 317 14.67 7.96 8.69
C PRO A 317 15.12 9.38 8.46
N PHE A 318 16.12 9.63 7.61
CA PHE A 318 16.56 10.99 7.42
C PHE A 318 15.63 11.76 6.48
N ILE A 319 15.16 11.12 5.40
CA ILE A 319 14.10 11.77 4.61
C ILE A 319 12.88 12.06 5.50
N HIS A 320 12.56 11.12 6.42
CA HIS A 320 11.37 11.27 7.20
C HIS A 320 11.53 12.41 8.20
N LEU A 321 12.73 12.59 8.71
CA LEU A 321 12.95 13.74 9.59
C LEU A 321 12.86 15.04 8.79
N TRP A 322 13.49 15.06 7.61
CA TRP A 322 13.55 16.26 6.82
C TRP A 322 12.14 16.70 6.43
N VAL A 323 11.28 15.74 6.00
CA VAL A 323 9.97 16.12 5.47
C VAL A 323 9.06 16.57 6.63
N ARG A 324 9.17 15.92 7.79
CA ARG A 324 8.39 16.33 8.95
C ARG A 324 8.81 17.72 9.44
N ASN A 325 10.13 18.02 9.38
CA ASN A 325 10.56 19.36 9.75
C ASN A 325 9.94 20.40 8.82
N LEU A 326 9.93 20.14 7.53
CA LEU A 326 9.32 21.09 6.61
C LEU A 326 7.83 21.22 6.84
N TYR A 327 7.13 20.11 7.00
CA TYR A 327 5.68 20.14 7.14
C TYR A 327 5.29 20.87 8.41
N TRP A 328 5.85 20.45 9.52
CA TRP A 328 5.32 20.99 10.77
C TRP A 328 5.86 22.37 11.12
N ASN A 329 7.07 22.69 10.68
CA ASN A 329 7.75 23.89 11.16
C ASN A 329 7.72 25.03 10.17
N TYR A 330 7.16 24.84 8.96
CA TYR A 330 7.10 25.88 7.93
C TYR A 330 5.68 25.99 7.40
N ASP A 331 5.01 27.10 7.76
CA ASP A 331 3.60 27.27 7.39
C ASP A 331 3.38 27.14 5.87
N ALA A 332 4.34 27.57 5.08
CA ALA A 332 4.20 27.57 3.62
C ALA A 332 4.01 26.17 3.07
N PHE A 333 4.55 25.20 3.78
CA PHE A 333 4.42 23.76 3.45
C PHE A 333 3.14 23.20 4.09
N ARG A 334 3.01 23.36 5.43
CA ARG A 334 1.86 22.81 6.15
C ARG A 334 0.56 23.23 5.50
N TYR A 335 0.40 24.55 5.30
CA TYR A 335 -0.92 25.05 4.97
C TYR A 335 -1.20 25.12 3.47
N THR A 336 -0.32 24.59 2.65
CA THR A 336 -0.59 24.28 1.23
C THR A 336 -0.71 22.81 0.96
N THR A 337 -0.60 21.99 2.02
CA THR A 337 -0.69 20.54 1.89
C THR A 337 -2.07 20.05 2.32
N ASP A 338 -2.82 19.46 1.42
CA ASP A 338 -4.19 19.10 1.60
C ASP A 338 -4.28 17.61 1.30
N PHE A 339 -4.24 16.83 2.40
CA PHE A 339 -4.27 15.37 2.29
C PHE A 339 -5.61 14.84 1.79
N ASP A 340 -6.74 15.54 1.99
CA ASP A 340 -7.95 15.07 1.37
C ASP A 340 -7.91 15.22 -0.14
N HIS A 341 -7.53 16.37 -0.63
CA HIS A 341 -7.36 16.50 -2.07
C HIS A 341 -6.38 15.49 -2.63
N ILE A 342 -5.24 15.32 -1.96
CA ILE A 342 -4.23 14.37 -2.45
C ILE A 342 -4.82 12.96 -2.59
N LYS A 343 -5.40 12.46 -1.52
CA LYS A 343 -5.83 11.07 -1.58
C LYS A 343 -7.00 10.87 -2.50
N LEU A 344 -7.94 11.80 -2.49
CA LEU A 344 -9.12 11.65 -3.31
C LEU A 344 -8.79 11.79 -4.78
N HIS A 345 -7.96 12.79 -5.13
CA HIS A 345 -7.63 12.92 -6.55
C HIS A 345 -7.11 11.62 -7.16
N TYR A 346 -6.07 11.03 -6.59
CA TYR A 346 -5.44 9.89 -7.24
C TYR A 346 -6.40 8.70 -7.28
N THR A 347 -6.95 8.36 -6.13
CA THR A 347 -7.72 7.15 -6.02
C THR A 347 -9.06 7.24 -6.73
N ARG A 348 -9.64 8.44 -6.88
CA ARG A 348 -10.98 8.58 -7.50
C ARG A 348 -10.90 8.88 -8.99
N SER A 349 -9.74 9.34 -9.47
CA SER A 349 -9.58 9.71 -10.86
C SER A 349 -8.90 8.65 -11.70
N HIS A 350 -8.09 7.77 -11.15
CA HIS A 350 -7.29 6.87 -11.98
C HIS A 350 -7.98 5.52 -12.04
N THR A 351 -9.02 5.46 -12.90
CA THR A 351 -9.83 4.26 -13.01
C THR A 351 -9.04 3.03 -13.44
N ARG A 352 -7.93 3.20 -14.15
CA ARG A 352 -7.22 2.01 -14.58
C ARG A 352 -6.28 1.48 -13.51
N ILE A 353 -6.20 2.16 -12.36
CA ILE A 353 -5.47 1.66 -11.22
C ILE A 353 -6.42 1.17 -10.13
N ASN A 354 -7.48 1.93 -9.87
CA ASN A 354 -8.42 1.74 -8.79
C ASN A 354 -9.81 1.76 -9.37
N PRO A 355 -10.24 0.65 -10.00
CA PRO A 355 -11.50 0.66 -10.75
C PRO A 355 -12.72 1.02 -9.97
N LEU A 356 -12.81 0.69 -8.69
CA LEU A 356 -14.02 1.03 -7.96
C LEU A 356 -13.95 2.36 -7.25
N GLY A 357 -12.80 3.03 -7.30
CA GLY A 357 -12.78 4.36 -6.76
C GLY A 357 -12.96 4.38 -5.27
N ILE A 358 -12.41 3.38 -4.58
CA ILE A 358 -12.41 3.35 -3.11
C ILE A 358 -11.08 3.85 -2.56
N THR A 359 -11.13 4.93 -1.80
CA THR A 359 -9.93 5.61 -1.23
C THR A 359 -9.48 4.90 0.03
N PRO A 360 -8.24 4.40 0.08
CA PRO A 360 -7.76 3.77 1.31
C PRO A 360 -7.68 4.76 2.42
N LEU A 361 -8.08 4.29 3.60
CA LEU A 361 -8.08 5.17 4.79
C LEU A 361 -6.67 5.37 5.32
N GLY A 362 -5.79 4.39 5.15
CA GLY A 362 -4.42 4.47 5.63
C GLY A 362 -3.52 5.02 4.54
N PRO A 363 -2.24 5.24 4.90
CA PRO A 363 -1.75 5.03 6.27
C PRO A 363 -2.17 6.10 7.22
N LYS A 364 -2.21 5.76 8.49
CA LYS A 364 -2.58 6.68 9.60
C LYS A 364 -1.36 6.93 10.41
N PRO A 365 -1.03 8.20 10.71
CA PRO A 365 -1.68 9.40 10.18
C PRO A 365 -1.08 9.76 8.78
N ASP A 366 -1.61 10.78 8.11
CA ASP A 366 -1.05 11.15 6.80
C ASP A 366 0.42 11.56 6.90
N ILE A 367 0.78 12.31 7.94
CA ILE A 367 2.17 12.64 8.23
C ILE A 367 2.35 12.57 9.76
N ARG A 368 3.34 11.81 10.23
CA ARG A 368 3.53 11.67 11.66
C ARG A 368 4.01 12.98 12.27
N PRO A 369 3.70 13.18 13.56
CA PRO A 369 4.28 14.29 14.30
C PRO A 369 5.79 14.15 14.41
N LEU A 370 6.43 15.28 14.68
CA LEU A 370 7.87 15.28 14.90
C LEU A 370 8.17 15.06 16.37
N LEU A 371 8.20 13.82 16.75
CA LEU A 371 8.57 13.42 18.10
C LEU A 371 10.07 13.50 18.26
N GLU A 372 10.54 13.98 19.42
CA GLU A 372 11.99 14.11 19.69
C GLU A 372 12.36 13.05 20.73
N GLN B 16 -19.74 -17.92 1.05
CA GLN B 16 -20.64 -19.09 0.99
C GLN B 16 -20.22 -20.13 2.01
N VAL B 17 -21.19 -20.88 2.54
CA VAL B 17 -20.94 -21.91 3.54
C VAL B 17 -20.59 -23.23 2.86
N SER B 18 -19.52 -23.88 3.32
CA SER B 18 -19.03 -25.10 2.67
C SER B 18 -20.03 -26.27 2.76
N SER B 19 -20.11 -27.07 1.67
CA SER B 19 -21.16 -28.10 1.56
C SER B 19 -20.75 -29.45 2.10
N PHE B 20 -19.48 -29.83 2.04
CA PHE B 20 -19.06 -31.19 2.39
C PHE B 20 -18.52 -31.15 3.82
N ARG B 21 -19.27 -31.78 4.77
CA ARG B 21 -19.07 -31.59 6.20
C ARG B 21 -18.98 -32.92 6.93
N GLU B 22 -18.41 -33.94 6.28
CA GLU B 22 -18.26 -35.23 6.92
C GLU B 22 -16.95 -35.34 7.72
N THR B 23 -16.84 -36.40 8.47
CA THR B 23 -15.65 -36.63 9.25
C THR B 23 -15.04 -37.96 8.87
N ILE B 24 -13.91 -38.27 9.50
CA ILE B 24 -13.23 -39.54 9.35
C ILE B 24 -13.00 -40.14 10.75
N SER B 25 -13.44 -41.37 10.97
CA SER B 25 -13.25 -42.00 12.28
C SER B 25 -13.46 -43.52 12.20
N LYS B 26 -12.96 -44.23 13.21
CA LYS B 26 -13.09 -45.70 13.21
C LYS B 26 -14.57 -46.15 13.18
N GLN B 27 -15.48 -45.31 13.65
CA GLN B 27 -16.91 -45.63 13.70
C GLN B 27 -17.69 -45.11 12.50
N HIS B 28 -17.05 -44.36 11.61
CA HIS B 28 -17.79 -43.74 10.55
C HIS B 28 -18.24 -44.79 9.54
N PRO B 29 -19.47 -44.74 9.08
CA PRO B 29 -19.94 -45.83 8.21
C PRO B 29 -19.20 -45.89 6.87
N ILE B 30 -18.59 -44.78 6.42
CA ILE B 30 -18.03 -44.67 5.07
C ILE B 30 -16.54 -44.37 5.14
N TYR B 31 -16.15 -43.41 6.02
CA TYR B 31 -14.82 -42.82 5.95
C TYR B 31 -14.06 -43.23 7.19
N LYS B 32 -13.25 -44.29 7.03
CA LYS B 32 -12.51 -44.83 8.15
C LYS B 32 -11.05 -44.55 7.98
N PRO B 33 -10.28 -44.45 9.06
CA PRO B 33 -8.89 -44.05 8.95
C PRO B 33 -8.05 -45.12 8.32
N ALA B 34 -7.13 -44.69 7.46
CA ALA B 34 -6.19 -45.54 6.74
C ALA B 34 -5.14 -44.66 6.11
N LYS B 35 -3.96 -45.24 5.98
CA LYS B 35 -2.90 -44.71 5.18
C LYS B 35 -3.24 -44.92 3.69
N GLY B 36 -2.79 -44.00 2.84
CA GLY B 36 -2.89 -44.13 1.40
C GLY B 36 -4.28 -44.01 0.82
N ARG B 37 -5.23 -43.53 1.59
CA ARG B 37 -6.62 -43.42 1.20
C ARG B 37 -7.06 -42.01 0.91
N TYR B 38 -6.58 -41.03 1.67
CA TYR B 38 -7.15 -39.67 1.63
C TYR B 38 -6.15 -38.71 1.05
N TRP B 39 -6.66 -37.61 0.44
CA TRP B 39 -5.81 -36.65 -0.23
C TRP B 39 -6.25 -35.26 0.16
N LEU B 40 -5.29 -34.34 0.12
CA LEU B 40 -5.53 -32.94 0.41
C LEU B 40 -5.19 -32.11 -0.82
N TYR B 41 -6.20 -31.51 -1.42
CA TYR B 41 -6.01 -30.62 -2.55
C TYR B 41 -6.09 -29.17 -2.04
N VAL B 42 -5.04 -28.41 -2.31
CA VAL B 42 -4.85 -27.08 -1.78
C VAL B 42 -4.42 -26.06 -2.84
N SER B 43 -4.57 -24.76 -2.48
CA SER B 43 -3.75 -23.69 -3.06
C SER B 43 -2.82 -23.23 -1.95
N LEU B 44 -1.56 -22.91 -2.32
CA LEU B 44 -0.65 -22.29 -1.41
C LEU B 44 -0.96 -20.84 -1.19
N ALA B 45 -1.78 -20.23 -2.04
CA ALA B 45 -2.14 -18.83 -1.82
C ALA B 45 -3.26 -18.65 -0.79
N CYS B 46 -4.15 -19.63 -0.65
CA CYS B 46 -5.40 -19.53 0.09
C CYS B 46 -5.13 -19.72 1.59
N PRO B 47 -5.40 -18.73 2.47
CA PRO B 47 -5.12 -18.97 3.90
C PRO B 47 -5.90 -20.09 4.50
N TRP B 48 -7.14 -20.30 4.09
CA TRP B 48 -7.93 -21.40 4.63
C TRP B 48 -7.28 -22.76 4.33
N ALA B 49 -6.82 -22.95 3.15
CA ALA B 49 -6.16 -24.18 2.80
C ALA B 49 -4.81 -24.27 3.46
N HIS B 50 -4.14 -23.12 3.63
CA HIS B 50 -2.83 -23.09 4.30
C HIS B 50 -2.95 -23.67 5.73
N ARG B 51 -4.07 -23.42 6.44
CA ARG B 51 -4.29 -24.00 7.77
C ARG B 51 -4.11 -25.51 7.72
N THR B 52 -4.67 -26.13 6.70
CA THR B 52 -4.64 -27.58 6.62
C THR B 52 -3.22 -28.10 6.37
N LEU B 53 -2.43 -27.39 5.59
CA LEU B 53 -1.05 -27.82 5.33
C LEU B 53 -0.23 -27.76 6.59
N ILE B 54 -0.37 -26.66 7.34
CA ILE B 54 0.37 -26.51 8.57
C ILE B 54 0.03 -27.62 9.54
N THR B 55 -1.26 -27.93 9.65
CA THR B 55 -1.74 -28.93 10.61
C THR B 55 -1.32 -30.30 10.15
N ARG B 56 -1.37 -30.54 8.82
CA ARG B 56 -0.91 -31.84 8.34
C ARG B 56 0.56 -32.08 8.69
N ALA B 57 1.37 -31.03 8.61
CA ALA B 57 2.76 -31.17 8.96
C ALA B 57 2.97 -31.31 10.47
N LEU B 58 2.27 -30.52 11.28
CA LEU B 58 2.45 -30.59 12.73
C LEU B 58 2.05 -31.93 13.29
N LYS B 59 1.07 -32.59 12.69
CA LYS B 59 0.60 -33.86 13.17
C LYS B 59 1.26 -35.05 12.48
N GLY B 60 2.31 -34.83 11.70
CA GLY B 60 3.09 -35.92 11.16
C GLY B 60 2.35 -36.73 10.10
N LEU B 61 1.49 -36.07 9.31
CA LEU B 61 0.60 -36.78 8.43
C LEU B 61 0.97 -36.68 6.95
N THR B 62 2.16 -36.20 6.62
CA THR B 62 2.52 -35.96 5.23
C THR B 62 2.62 -37.26 4.42
N SER B 63 3.00 -38.37 5.05
CA SER B 63 3.01 -39.66 4.35
C SER B 63 1.71 -40.41 4.42
N VAL B 64 0.87 -40.05 5.34
CA VAL B 64 -0.43 -40.65 5.48
C VAL B 64 -1.40 -40.09 4.46
N ILE B 65 -1.33 -38.76 4.18
CA ILE B 65 -2.35 -38.01 3.43
C ILE B 65 -1.59 -37.26 2.34
N GLY B 66 -1.76 -37.68 1.02
CA GLY B 66 -0.97 -37.00 0.04
C GLY B 66 -1.57 -35.64 -0.24
N CYS B 67 -0.77 -34.83 -0.92
CA CYS B 67 -1.11 -33.46 -1.25
C CYS B 67 -0.83 -33.17 -2.73
N SER B 68 -1.76 -32.48 -3.38
CA SER B 68 -1.51 -31.77 -4.62
C SER B 68 -1.95 -30.31 -4.57
N VAL B 69 -1.38 -29.51 -5.48
CA VAL B 69 -1.42 -28.03 -5.41
C VAL B 69 -1.91 -27.42 -6.71
N VAL B 70 -3.03 -26.70 -6.65
CA VAL B 70 -3.53 -25.98 -7.79
C VAL B 70 -2.67 -24.73 -8.06
N HIS B 71 -2.77 -24.27 -9.30
CA HIS B 71 -2.10 -23.07 -9.75
C HIS B 71 -2.54 -21.86 -8.95
N TRP B 72 -1.64 -20.90 -8.81
CA TRP B 72 -2.01 -19.66 -8.14
C TRP B 72 -3.01 -18.82 -8.93
N HIS B 73 -3.02 -18.92 -10.25
CA HIS B 73 -3.95 -18.10 -11.02
C HIS B 73 -5.35 -18.65 -10.99
N LEU B 74 -6.29 -17.82 -10.65
CA LEU B 74 -7.68 -18.22 -10.53
C LEU B 74 -8.47 -17.48 -11.61
N ASP B 75 -8.84 -18.22 -12.69
CA ASP B 75 -9.66 -17.65 -13.75
C ASP B 75 -11.13 -18.05 -13.58
N GLU B 76 -11.92 -17.80 -14.62
CA GLU B 76 -13.36 -17.90 -14.49
C GLU B 76 -13.82 -19.35 -14.41
N LYS B 77 -12.93 -20.29 -14.70
CA LYS B 77 -13.32 -21.69 -14.59
C LYS B 77 -12.77 -22.35 -13.33
N GLY B 78 -12.32 -21.53 -12.35
CA GLY B 78 -12.01 -22.09 -11.01
C GLY B 78 -10.57 -22.58 -10.99
N TRP B 79 -10.17 -23.05 -9.81
CA TRP B 79 -8.81 -23.52 -9.64
C TRP B 79 -8.45 -24.63 -10.64
N ARG B 80 -7.18 -24.67 -11.03
CA ARG B 80 -6.73 -25.57 -12.08
C ARG B 80 -5.37 -26.19 -11.75
N PHE B 81 -5.07 -27.31 -12.41
CA PHE B 81 -3.82 -28.06 -12.24
C PHE B 81 -3.02 -27.95 -13.52
N LEU B 82 -1.75 -28.33 -13.47
CA LEU B 82 -0.98 -28.41 -14.70
C LEU B 82 -1.30 -29.70 -15.47
N ASP B 83 -1.16 -29.65 -16.81
CA ASP B 83 -1.49 -30.88 -17.64
C ASP B 83 -0.55 -32.07 -17.46
N LEU B 95 6.01 -39.27 -5.77
CA LEU B 95 5.78 -39.73 -4.39
C LEU B 95 6.50 -38.85 -3.38
N GLU B 96 7.75 -38.53 -3.69
CA GLU B 96 8.45 -37.51 -2.92
C GLU B 96 7.64 -36.22 -2.89
N HIS B 97 6.85 -35.99 -3.93
CA HIS B 97 6.12 -34.74 -4.07
C HIS B 97 4.81 -34.85 -3.31
N TRP B 98 4.12 -35.96 -3.50
CA TRP B 98 2.84 -36.17 -2.82
C TRP B 98 2.97 -36.07 -1.31
N HIS B 99 4.06 -36.62 -0.73
CA HIS B 99 4.26 -36.69 0.71
C HIS B 99 5.16 -35.59 1.26
N ASP B 100 5.35 -34.52 0.49
CA ASP B 100 6.04 -33.29 0.92
C ASP B 100 5.08 -32.35 1.61
N VAL B 101 5.62 -31.51 2.52
CA VAL B 101 4.73 -30.58 3.23
C VAL B 101 3.98 -29.63 2.34
N ALA B 102 4.48 -29.36 1.13
CA ALA B 102 3.85 -28.42 0.21
C ALA B 102 3.63 -29.07 -1.17
N GLY B 103 3.37 -30.38 -1.18
CA GLY B 103 3.11 -31.11 -2.42
C GLY B 103 4.26 -31.06 -3.40
N GLY B 104 5.44 -30.75 -2.93
CA GLY B 104 6.58 -30.68 -3.82
C GLY B 104 6.86 -29.33 -4.43
N ILE B 105 6.02 -28.33 -4.16
CA ILE B 105 6.19 -27.05 -4.81
C ILE B 105 7.46 -26.40 -4.32
N ARG B 106 8.30 -25.92 -5.22
CA ARG B 106 9.44 -25.16 -4.77
C ARG B 106 9.33 -23.76 -5.30
N THR B 107 9.87 -22.83 -4.54
CA THR B 107 9.95 -21.46 -5.03
C THR B 107 11.14 -21.36 -6.01
N ALA B 108 10.90 -20.72 -7.15
CA ALA B 108 11.91 -20.63 -8.21
C ALA B 108 13.12 -19.82 -7.73
N SER B 115 11.83 -10.44 -9.31
CA SER B 115 10.86 -10.13 -10.34
C SER B 115 9.64 -11.12 -10.51
N PHE B 116 8.49 -10.56 -10.96
CA PHE B 116 7.33 -11.27 -11.43
C PHE B 116 7.00 -10.99 -12.90
N ALA B 117 7.62 -9.99 -13.51
CA ALA B 117 7.12 -9.56 -14.80
C ALA B 117 7.24 -10.64 -15.86
N GLU B 118 8.23 -11.53 -15.79
CA GLU B 118 8.34 -12.55 -16.81
C GLU B 118 7.35 -13.69 -16.62
N ILE B 119 6.59 -13.67 -15.55
CA ILE B 119 5.64 -14.72 -15.24
C ILE B 119 4.28 -14.28 -15.71
N LYS B 120 3.77 -14.97 -16.74
CA LYS B 120 2.45 -14.70 -17.25
C LYS B 120 1.44 -15.53 -16.49
N ASN B 121 0.16 -15.19 -16.64
CA ASN B 121 -0.80 -15.91 -15.82
C ASN B 121 -0.95 -17.36 -16.22
N ASP B 122 -0.63 -17.68 -17.48
CA ASP B 122 -0.72 -19.04 -17.96
C ASP B 122 0.61 -19.76 -17.88
N SER B 123 1.46 -19.34 -16.95
CA SER B 123 2.76 -19.96 -16.74
C SER B 123 2.58 -21.44 -16.39
N GLN B 124 3.51 -22.28 -16.86
CA GLN B 124 3.44 -23.73 -16.67
C GLN B 124 4.76 -24.31 -16.12
N ARG B 125 5.23 -23.79 -15.01
CA ARG B 125 6.48 -24.30 -14.44
C ARG B 125 6.12 -25.45 -13.51
N PHE B 126 6.39 -26.68 -13.95
CA PHE B 126 5.99 -27.84 -13.18
C PHE B 126 6.66 -27.83 -11.82
N MET B 127 5.85 -28.03 -10.74
CA MET B 127 6.31 -28.05 -9.37
C MET B 127 6.85 -26.69 -8.94
N VAL B 128 6.47 -25.64 -9.65
CA VAL B 128 6.76 -24.27 -9.22
C VAL B 128 5.42 -23.53 -9.17
N ASP B 129 4.70 -23.53 -10.26
CA ASP B 129 3.41 -22.87 -10.32
C ASP B 129 2.26 -23.69 -9.80
N ALA B 130 2.37 -25.02 -9.90
CA ALA B 130 1.30 -25.98 -9.59
C ALA B 130 1.82 -27.40 -9.80
N THR B 131 1.09 -28.34 -9.25
CA THR B 131 1.28 -29.77 -9.53
C THR B 131 0.22 -30.19 -10.54
N ASN B 132 0.34 -31.42 -11.00
CA ASN B 132 -0.80 -31.97 -11.68
C ASN B 132 -1.80 -32.51 -10.66
N GLU B 133 -2.90 -33.10 -11.18
CA GLU B 133 -3.78 -33.87 -10.36
C GLU B 133 -3.43 -35.33 -10.64
N PRO B 134 -2.79 -36.02 -9.72
CA PRO B 134 -2.11 -37.28 -10.06
C PRO B 134 -3.03 -38.49 -10.20
N HIS B 135 -4.23 -38.46 -9.69
CA HIS B 135 -5.02 -39.68 -9.64
C HIS B 135 -5.88 -39.92 -10.87
N TYR B 136 -6.44 -38.83 -11.42
CA TYR B 136 -7.36 -38.86 -12.52
C TYR B 136 -6.96 -37.97 -13.68
N GLY B 137 -5.87 -37.21 -13.56
CA GLY B 137 -5.42 -36.30 -14.59
C GLY B 137 -6.38 -35.16 -14.85
N TYR B 138 -7.16 -34.78 -13.84
CA TYR B 138 -8.11 -33.69 -14.05
C TYR B 138 -7.34 -32.38 -14.19
N LYS B 139 -7.83 -31.49 -15.08
CA LYS B 139 -7.21 -30.18 -15.21
C LYS B 139 -7.84 -29.14 -14.27
N ARG B 140 -9.03 -29.41 -13.72
CA ARG B 140 -9.82 -28.43 -12.98
C ARG B 140 -10.30 -29.00 -11.65
N ILE B 141 -10.28 -28.19 -10.60
CA ILE B 141 -10.75 -28.72 -9.35
C ILE B 141 -12.26 -28.96 -9.41
N SER B 142 -12.98 -28.29 -10.31
CA SER B 142 -14.40 -28.57 -10.51
C SER B 142 -14.66 -30.02 -10.95
N ASP B 143 -13.68 -30.65 -11.58
CA ASP B 143 -13.80 -32.07 -11.94
C ASP B 143 -13.99 -32.95 -10.72
N LEU B 144 -13.20 -32.69 -9.64
CA LEU B 144 -13.38 -33.41 -8.38
C LEU B 144 -14.75 -33.17 -7.77
N TYR B 145 -15.18 -31.92 -7.69
CA TYR B 145 -16.52 -31.64 -7.22
C TYR B 145 -17.59 -32.41 -7.98
N TYR B 146 -17.55 -32.37 -9.32
CA TYR B 146 -18.61 -32.97 -10.12
C TYR B 146 -18.59 -34.48 -10.00
N LYS B 147 -17.41 -35.08 -9.85
CA LYS B 147 -17.32 -36.50 -9.56
C LYS B 147 -18.00 -36.85 -8.24
N SER B 148 -17.76 -36.06 -7.19
CA SER B 148 -18.39 -36.34 -5.91
C SER B 148 -19.88 -36.09 -5.93
N ASP B 149 -20.34 -35.02 -6.62
CA ASP B 149 -21.73 -34.56 -6.55
C ASP B 149 -22.08 -34.00 -7.92
N PRO B 150 -22.65 -34.82 -8.80
CA PRO B 150 -22.84 -34.35 -10.17
C PRO B 150 -23.78 -33.19 -10.24
N GLN B 151 -24.55 -32.92 -9.18
CA GLN B 151 -25.46 -31.80 -9.18
C GLN B 151 -24.93 -30.59 -8.43
N TYR B 152 -23.63 -30.57 -8.11
CA TYR B 152 -23.05 -29.45 -7.39
C TYR B 152 -23.23 -28.14 -8.15
N SER B 153 -23.68 -27.07 -7.44
CA SER B 153 -23.93 -25.76 -8.06
C SER B 153 -23.27 -24.57 -7.36
N ALA B 154 -22.49 -24.79 -6.31
CA ALA B 154 -21.80 -23.71 -5.58
C ALA B 154 -20.36 -23.49 -6.05
N ARG B 155 -19.56 -22.83 -5.22
CA ARG B 155 -18.21 -22.46 -5.64
C ARG B 155 -17.26 -23.62 -5.41
N PHE B 156 -16.24 -23.72 -6.26
CA PHE B 156 -15.29 -24.83 -6.21
C PHE B 156 -14.08 -24.45 -5.35
N THR B 157 -14.22 -24.58 -4.01
CA THR B 157 -13.21 -24.00 -3.15
C THR B 157 -12.10 -24.98 -2.81
N VAL B 158 -10.97 -24.42 -2.42
CA VAL B 158 -9.98 -25.19 -1.70
C VAL B 158 -10.01 -24.72 -0.23
N PRO B 159 -9.62 -25.58 0.72
CA PRO B 159 -9.08 -26.95 0.64
C PRO B 159 -10.13 -28.01 0.41
N VAL B 160 -9.72 -29.14 -0.20
CA VAL B 160 -10.57 -30.31 -0.38
C VAL B 160 -9.87 -31.52 0.24
N LEU B 161 -10.59 -32.17 1.14
CA LEU B 161 -10.19 -33.44 1.76
C LEU B 161 -10.97 -34.53 1.03
N TRP B 162 -10.21 -35.31 0.24
CA TRP B 162 -10.72 -36.24 -0.78
C TRP B 162 -10.52 -37.70 -0.32
N ASP B 163 -11.51 -38.56 -0.62
CA ASP B 163 -11.43 -40.01 -0.36
C ASP B 163 -11.20 -40.71 -1.69
N LEU B 164 -10.02 -41.33 -1.85
CA LEU B 164 -9.69 -42.08 -3.07
C LEU B 164 -10.57 -43.31 -3.25
N GLU B 165 -11.11 -43.86 -2.17
CA GLU B 165 -11.86 -45.12 -2.35
C GLU B 165 -13.19 -44.86 -3.01
N THR B 166 -14.00 -43.98 -2.42
CA THR B 166 -15.33 -43.63 -2.88
C THR B 166 -15.31 -42.52 -3.95
N GLN B 167 -14.17 -41.88 -4.14
CA GLN B 167 -14.05 -40.72 -5.04
C GLN B 167 -15.11 -39.67 -4.70
N THR B 168 -15.05 -39.20 -3.46
CA THR B 168 -15.92 -38.16 -2.98
C THR B 168 -15.13 -37.19 -2.12
N ILE B 169 -15.73 -36.02 -1.93
CA ILE B 169 -15.18 -35.05 -1.00
C ILE B 169 -15.67 -35.35 0.42
N VAL B 170 -14.72 -35.60 1.31
CA VAL B 170 -15.08 -35.82 2.71
C VAL B 170 -15.49 -34.53 3.37
N ASN B 171 -14.65 -33.52 3.21
CA ASN B 171 -14.89 -32.28 3.88
C ASN B 171 -14.20 -31.20 3.08
N ASN B 172 -14.86 -30.05 2.90
CA ASN B 172 -14.21 -28.89 2.28
C ASN B 172 -14.37 -27.61 3.15
N GLU B 173 -14.33 -27.78 4.47
CA GLU B 173 -14.33 -26.65 5.41
C GLU B 173 -13.05 -26.74 6.24
N SER B 174 -12.19 -25.72 6.09
CA SER B 174 -10.87 -25.84 6.67
C SER B 174 -10.93 -25.95 8.18
N SER B 175 -11.93 -25.32 8.85
CA SER B 175 -11.94 -25.36 10.32
C SER B 175 -12.20 -26.78 10.81
N GLU B 176 -12.95 -27.55 10.05
CA GLU B 176 -13.22 -28.97 10.34
C GLU B 176 -12.08 -29.88 9.92
N ILE B 177 -11.49 -29.63 8.73
CA ILE B 177 -10.35 -30.45 8.29
C ILE B 177 -9.23 -30.41 9.32
N ILE B 178 -8.98 -29.25 9.92
CA ILE B 178 -7.87 -29.25 10.83
C ILE B 178 -8.26 -30.00 12.14
N ARG B 179 -9.54 -30.08 12.47
CA ARG B 179 -9.91 -30.89 13.65
C ARG B 179 -9.85 -32.40 13.30
N ILE B 180 -10.21 -32.76 12.09
CA ILE B 180 -10.03 -34.16 11.67
C ILE B 180 -8.58 -34.55 11.75
N LEU B 181 -7.71 -33.70 11.24
CA LEU B 181 -6.28 -33.99 11.24
C LEU B 181 -5.73 -34.10 12.65
N ASN B 182 -6.16 -33.22 13.56
CA ASN B 182 -5.64 -33.21 14.91
C ASN B 182 -6.24 -34.31 15.77
N SER B 183 -7.33 -34.93 15.33
CA SER B 183 -8.06 -35.91 16.13
C SER B 183 -7.26 -37.19 16.24
N SER B 184 -7.84 -38.15 16.97
CA SER B 184 -7.14 -39.40 17.13
C SER B 184 -7.24 -40.31 15.89
N ALA B 185 -7.93 -39.87 14.82
CA ALA B 185 -8.27 -40.78 13.71
C ALA B 185 -7.06 -41.47 13.09
N PHE B 186 -5.99 -40.72 12.84
CA PHE B 186 -4.84 -41.29 12.17
C PHE B 186 -3.75 -41.72 13.13
N ASP B 187 -4.06 -41.85 14.43
CA ASP B 187 -2.98 -42.14 15.38
C ASP B 187 -2.23 -43.43 15.05
N GLU B 188 -2.88 -44.43 14.46
CA GLU B 188 -2.14 -45.68 14.18
C GLU B 188 -0.99 -45.48 13.21
N PHE B 189 -1.04 -44.44 12.39
CA PHE B 189 -0.15 -44.33 11.24
C PHE B 189 0.93 -43.27 11.44
N VAL B 190 1.01 -42.68 12.61
CA VAL B 190 2.01 -41.67 12.91
C VAL B 190 2.90 -42.20 14.03
N ASP B 191 4.09 -41.62 14.12
CA ASP B 191 4.99 -41.94 15.21
C ASP B 191 4.47 -41.36 16.53
N ASP B 192 5.16 -41.69 17.59
CA ASP B 192 4.62 -41.49 18.93
C ASP B 192 4.70 -40.02 19.34
N ASP B 193 5.70 -39.28 18.85
CA ASP B 193 5.79 -37.84 19.07
C ASP B 193 4.56 -37.12 18.53
N HIS B 194 4.22 -37.38 17.25
CA HIS B 194 3.16 -36.62 16.59
C HIS B 194 1.80 -37.00 17.16
N LYS B 195 1.59 -38.28 17.49
CA LYS B 195 0.31 -38.69 18.06
C LYS B 195 -0.01 -37.84 19.28
N LYS B 196 1.04 -37.47 20.03
CA LYS B 196 0.92 -36.76 21.29
C LYS B 196 0.67 -35.27 21.09
N THR B 197 0.97 -34.74 19.92
CA THR B 197 0.71 -33.33 19.70
C THR B 197 -0.79 -33.09 19.70
N ASP B 198 -1.22 -32.06 20.42
CA ASP B 198 -2.65 -31.79 20.50
C ASP B 198 -2.83 -30.30 20.32
N LEU B 199 -3.31 -29.91 19.13
CA LEU B 199 -3.44 -28.52 18.81
C LEU B 199 -4.73 -27.93 19.37
N VAL B 200 -5.56 -28.74 20.02
CA VAL B 200 -6.77 -28.24 20.64
C VAL B 200 -6.93 -28.90 22.00
N PRO B 201 -6.01 -28.65 22.92
CA PRO B 201 -6.10 -29.37 24.19
C PRO B 201 -7.33 -28.93 24.95
N ALA B 202 -7.92 -29.90 25.64
CA ALA B 202 -9.18 -29.64 26.29
C ALA B 202 -9.00 -28.57 27.35
N GLN B 203 -7.81 -28.46 27.93
CA GLN B 203 -7.54 -27.47 28.99
C GLN B 203 -7.62 -26.05 28.48
N LEU B 204 -7.50 -25.89 27.15
CA LEU B 204 -7.56 -24.58 26.53
C LEU B 204 -8.72 -24.41 25.57
N LYS B 205 -9.68 -25.31 25.55
CA LYS B 205 -10.64 -25.35 24.45
C LYS B 205 -11.53 -24.11 24.46
N THR B 206 -11.98 -23.62 25.64
CA THR B 206 -12.89 -22.45 25.61
C THR B 206 -12.11 -21.19 25.22
N GLN B 207 -10.83 -21.12 25.62
CA GLN B 207 -9.95 -20.01 25.26
C GLN B 207 -9.69 -20.01 23.77
N ILE B 208 -9.38 -21.20 23.21
CA ILE B 208 -9.15 -21.34 21.75
C ILE B 208 -10.39 -20.97 20.95
N ASP B 209 -11.53 -21.50 21.34
CA ASP B 209 -12.74 -21.24 20.62
C ASP B 209 -13.15 -19.79 20.69
N ASP B 210 -12.95 -19.14 21.83
CA ASP B 210 -13.30 -17.74 21.95
C ASP B 210 -12.43 -16.88 21.01
N PHE B 211 -11.12 -17.09 21.11
CA PHE B 211 -10.14 -16.35 20.28
C PHE B 211 -10.45 -16.61 18.81
N ASN B 212 -10.68 -17.87 18.45
CA ASN B 212 -10.94 -18.19 17.05
C ASN B 212 -12.18 -17.48 16.52
N SER B 213 -13.20 -17.36 17.38
CA SER B 213 -14.47 -16.78 16.97
C SER B 213 -14.32 -15.34 16.50
N TRP B 214 -13.76 -14.46 17.34
CA TRP B 214 -13.64 -13.07 16.90
C TRP B 214 -12.49 -12.86 15.93
N VAL B 215 -11.45 -13.69 16.00
CA VAL B 215 -10.40 -13.57 15.00
C VAL B 215 -10.93 -13.93 13.63
N TYR B 216 -11.78 -14.97 13.56
CA TYR B 216 -12.38 -15.31 12.27
C TYR B 216 -13.15 -14.12 11.67
N ASP B 217 -14.07 -13.53 12.41
CA ASP B 217 -14.95 -12.50 11.85
C ASP B 217 -14.18 -11.23 11.51
N SER B 218 -13.25 -10.82 12.37
CA SER B 218 -12.69 -9.51 12.23
C SER B 218 -11.33 -9.50 11.53
N ILE B 219 -10.61 -10.63 11.44
CA ILE B 219 -9.28 -10.70 10.89
C ILE B 219 -9.18 -11.71 9.72
N ASN B 220 -9.43 -13.00 9.97
CA ASN B 220 -9.34 -14.00 8.91
C ASN B 220 -10.29 -13.62 7.77
N ASN B 221 -11.56 -13.47 8.11
CA ASN B 221 -12.50 -12.99 7.12
C ASN B 221 -12.57 -11.47 7.04
N GLY B 222 -12.18 -10.75 8.12
CA GLY B 222 -12.23 -9.29 8.07
C GLY B 222 -11.45 -8.69 6.91
N VAL B 223 -10.28 -9.28 6.59
CA VAL B 223 -9.51 -8.71 5.48
C VAL B 223 -10.22 -8.90 4.16
N TYR B 224 -10.93 -10.05 3.98
CA TYR B 224 -11.71 -10.20 2.73
C TYR B 224 -12.92 -9.26 2.68
N LYS B 225 -13.63 -9.10 3.78
CA LYS B 225 -14.78 -8.20 3.77
C LYS B 225 -14.30 -6.79 3.49
N THR B 226 -13.06 -6.48 3.88
CA THR B 226 -12.51 -5.15 3.60
C THR B 226 -12.14 -5.06 2.12
N GLY B 227 -11.36 -6.03 1.64
CA GLY B 227 -10.75 -5.93 0.32
C GLY B 227 -11.73 -6.14 -0.81
N PHE B 228 -12.76 -6.92 -0.58
CA PHE B 228 -13.76 -7.20 -1.57
C PHE B 228 -14.96 -6.28 -1.46
N ALA B 229 -14.98 -5.33 -0.52
CA ALA B 229 -16.08 -4.39 -0.46
C ALA B 229 -16.15 -3.63 -1.78
N GLU B 230 -17.37 -3.40 -2.24
CA GLU B 230 -17.59 -2.63 -3.48
C GLU B 230 -18.10 -1.23 -3.22
N LYS B 231 -18.50 -0.94 -1.98
CA LYS B 231 -18.93 0.37 -1.52
C LYS B 231 -17.96 0.85 -0.45
N ALA B 232 -17.51 2.11 -0.58
CA ALA B 232 -16.58 2.66 0.38
C ALA B 232 -17.10 2.56 1.83
N GLU B 233 -18.41 2.76 2.05
CA GLU B 233 -18.94 2.69 3.41
C GLU B 233 -18.59 1.34 4.05
N VAL B 234 -18.66 0.27 3.26
CA VAL B 234 -18.39 -1.07 3.75
C VAL B 234 -16.88 -1.25 3.98
N TYR B 235 -16.09 -0.81 3.01
CA TYR B 235 -14.63 -0.84 3.13
C TYR B 235 -14.19 -0.15 4.45
N GLU B 236 -14.73 1.03 4.74
CA GLU B 236 -14.24 1.77 5.87
C GLU B 236 -14.63 1.08 7.17
N SER B 237 -15.86 0.59 7.22
CA SER B 237 -16.33 -0.10 8.42
C SER B 237 -15.47 -1.33 8.69
N GLU B 238 -15.23 -2.14 7.66
CA GLU B 238 -14.52 -3.40 7.85
C GLU B 238 -13.06 -3.17 8.12
N VAL B 239 -12.42 -2.16 7.49
CA VAL B 239 -11.00 -1.94 7.76
C VAL B 239 -10.79 -1.43 9.19
N ASN B 240 -11.66 -0.54 9.68
CA ASN B 240 -11.58 -0.13 11.09
C ASN B 240 -11.69 -1.32 11.99
N ASN B 241 -12.58 -2.24 11.65
CA ASN B 241 -12.80 -3.45 12.45
C ASN B 241 -11.58 -4.37 12.46
N VAL B 242 -10.94 -4.56 11.28
CA VAL B 242 -9.68 -5.32 11.21
C VAL B 242 -8.67 -4.77 12.22
N PHE B 243 -8.38 -3.46 12.15
CA PHE B 243 -7.28 -2.95 12.95
C PHE B 243 -7.69 -2.88 14.43
N GLU B 244 -8.99 -2.66 14.71
CA GLU B 244 -9.45 -2.72 16.09
C GLU B 244 -9.14 -4.09 16.68
N HIS B 245 -9.30 -5.16 15.90
CA HIS B 245 -9.09 -6.50 16.43
C HIS B 245 -7.61 -6.94 16.38
N LEU B 246 -6.82 -6.44 15.42
CA LEU B 246 -5.37 -6.60 15.55
C LEU B 246 -4.89 -5.97 16.84
N ASP B 247 -5.49 -4.82 17.25
CA ASP B 247 -5.08 -4.20 18.50
C ASP B 247 -5.35 -5.16 19.68
N LYS B 248 -6.49 -5.84 19.64
CA LYS B 248 -6.79 -6.81 20.70
C LYS B 248 -5.78 -7.96 20.72
N VAL B 249 -5.42 -8.53 19.55
CA VAL B 249 -4.42 -9.59 19.54
C VAL B 249 -3.08 -9.09 20.08
N GLU B 250 -2.70 -7.86 19.68
CA GLU B 250 -1.43 -7.26 20.10
C GLU B 250 -1.37 -7.10 21.61
N LYS B 251 -2.46 -6.66 22.22
CA LYS B 251 -2.53 -6.51 23.69
C LYS B 251 -2.32 -7.88 24.34
N ILE B 252 -3.04 -8.90 23.84
CA ILE B 252 -2.88 -10.24 24.39
C ILE B 252 -1.42 -10.67 24.38
N LEU B 253 -0.77 -10.48 23.25
CA LEU B 253 0.60 -10.90 23.10
C LEU B 253 1.54 -10.02 23.92
N SER B 254 1.29 -8.72 23.97
CA SER B 254 2.09 -7.83 24.82
C SER B 254 2.03 -8.28 26.28
N ASP B 255 0.83 -8.58 26.75
CA ASP B 255 0.69 -8.99 28.15
C ASP B 255 1.41 -10.28 28.40
N LYS B 256 1.35 -11.21 27.44
CA LYS B 256 2.01 -12.49 27.57
C LYS B 256 3.51 -12.34 27.53
N TYR B 257 4.03 -11.47 26.67
CA TYR B 257 5.47 -11.23 26.61
C TYR B 257 5.98 -10.64 27.94
N SER B 258 5.22 -9.69 28.50
CA SER B 258 5.60 -9.09 29.80
C SER B 258 5.80 -10.15 30.88
N LYS B 259 4.86 -11.08 31.01
CA LYS B 259 4.96 -12.13 32.03
C LYS B 259 6.12 -13.08 31.74
N LEU B 260 6.36 -13.43 30.45
CA LEU B 260 7.49 -14.26 30.11
C LEU B 260 8.83 -13.57 30.41
N LYS B 261 8.95 -12.28 30.07
CA LYS B 261 10.15 -11.49 30.38
C LYS B 261 10.45 -11.54 31.90
N ALA B 262 9.41 -11.40 32.71
CA ALA B 262 9.65 -11.42 34.14
C ALA B 262 10.04 -12.82 34.62
N LYS B 263 9.48 -13.87 34.01
CA LYS B 263 9.77 -15.24 34.44
C LYS B 263 11.15 -15.71 33.99
N TYR B 264 11.68 -15.23 32.87
CA TYR B 264 12.90 -15.79 32.33
C TYR B 264 13.99 -14.74 32.14
N GLY B 265 13.65 -13.48 32.22
CA GLY B 265 14.58 -12.43 31.85
C GLY B 265 14.61 -12.15 30.37
N GLU B 266 14.80 -10.87 30.01
CA GLU B 266 14.67 -10.44 28.62
C GLU B 266 15.83 -10.91 27.77
N GLU B 267 16.97 -11.28 28.34
CA GLU B 267 18.05 -11.72 27.45
C GLU B 267 17.86 -13.16 26.96
N ASP B 268 17.01 -13.93 27.65
CA ASP B 268 16.75 -15.34 27.36
C ASP B 268 15.57 -15.45 26.37
N ARG B 269 15.80 -14.87 25.20
CA ARG B 269 14.75 -14.79 24.19
C ARG B 269 14.27 -16.19 23.80
N GLN B 270 15.19 -17.17 23.77
CA GLN B 270 14.81 -18.54 23.41
C GLN B 270 13.74 -19.11 24.34
N LYS B 271 13.90 -19.02 25.69
CA LYS B 271 12.86 -19.57 26.55
C LYS B 271 11.56 -18.80 26.38
N ILE B 272 11.64 -17.49 26.23
CA ILE B 272 10.43 -16.70 26.09
C ILE B 272 9.67 -17.15 24.86
N LEU B 273 10.36 -17.23 23.73
CA LEU B 273 9.66 -17.56 22.51
C LEU B 273 9.11 -18.98 22.54
N GLY B 274 9.70 -19.85 23.37
CA GLY B 274 9.16 -21.17 23.40
C GLY B 274 7.84 -21.27 24.09
N GLU B 275 7.34 -20.17 24.62
CA GLU B 275 6.03 -20.13 25.25
C GLU B 275 5.18 -18.97 24.76
N PHE B 276 5.62 -18.30 23.71
CA PHE B 276 4.97 -17.10 23.22
C PHE B 276 3.90 -17.41 22.18
N PHE B 277 2.67 -17.64 22.63
CA PHE B 277 1.56 -18.01 21.78
C PHE B 277 0.34 -17.17 22.14
N THR B 278 -0.64 -17.22 21.26
CA THR B 278 -1.87 -16.45 21.42
C THR B 278 -2.73 -16.99 22.54
N VAL B 279 -2.77 -18.30 22.70
CA VAL B 279 -3.61 -18.94 23.72
C VAL B 279 -2.76 -19.83 24.60
N GLY B 280 -2.88 -19.64 25.92
CA GLY B 280 -2.07 -20.54 26.71
C GLY B 280 -0.60 -20.25 26.62
N ASP B 281 0.20 -21.30 26.83
CA ASP B 281 1.64 -21.15 26.72
C ASP B 281 2.21 -22.23 25.80
N GLN B 282 1.40 -22.69 24.84
CA GLN B 282 1.83 -23.70 23.86
C GLN B 282 1.23 -23.34 22.50
N LEU B 283 1.79 -23.97 21.47
CA LEU B 283 1.31 -23.81 20.09
C LEU B 283 -0.05 -24.51 19.93
N THR B 284 -1.02 -23.79 19.40
CA THR B 284 -2.36 -24.33 19.23
C THR B 284 -2.94 -23.93 17.86
N GLU B 285 -4.10 -24.47 17.59
CA GLU B 285 -4.86 -24.13 16.40
C GLU B 285 -5.14 -22.64 16.31
N ALA B 286 -5.24 -21.93 17.46
CA ALA B 286 -5.46 -20.51 17.41
C ALA B 286 -4.30 -19.82 16.74
N ASP B 287 -3.08 -20.29 16.98
CA ASP B 287 -1.92 -19.69 16.37
C ASP B 287 -1.92 -19.97 14.88
N ILE B 288 -2.26 -21.20 14.55
CA ILE B 288 -2.30 -21.61 13.13
C ILE B 288 -3.28 -20.73 12.33
N ARG B 289 -4.51 -20.61 12.83
CA ARG B 289 -5.53 -19.85 12.12
C ARG B 289 -5.18 -18.36 12.02
N LEU B 290 -4.62 -17.79 13.08
CA LEU B 290 -4.18 -16.40 12.97
C LEU B 290 -3.05 -16.22 11.95
N TYR B 291 -2.07 -17.12 12.00
CA TYR B 291 -0.85 -17.04 11.22
C TYR B 291 -1.17 -16.93 9.71
N THR B 292 -2.14 -17.70 9.24
CA THR B 292 -2.33 -17.73 7.77
C THR B 292 -2.83 -16.39 7.27
N THR B 293 -3.47 -15.58 8.14
CA THR B 293 -3.77 -14.19 7.78
C THR B 293 -2.57 -13.26 7.97
N VAL B 294 -1.92 -13.35 9.13
CA VAL B 294 -0.87 -12.39 9.44
C VAL B 294 0.32 -12.52 8.47
N ILE B 295 0.65 -13.75 8.06
CA ILE B 295 1.76 -13.94 7.16
C ILE B 295 1.50 -13.39 5.77
N ARG B 296 0.24 -13.22 5.41
CA ARG B 296 -0.16 -12.59 4.15
C ARG B 296 -0.41 -11.10 4.26
N PHE B 297 -0.33 -10.55 5.46
CA PHE B 297 -0.82 -9.21 5.68
C PHE B 297 0.09 -8.18 5.02
N ASP B 298 1.37 -8.20 5.32
CA ASP B 298 2.28 -7.22 4.74
C ASP B 298 2.53 -7.53 3.27
N PRO B 299 2.72 -8.80 2.86
CA PRO B 299 2.98 -9.06 1.44
C PRO B 299 1.83 -8.69 0.51
N VAL B 300 0.59 -8.77 0.96
CA VAL B 300 -0.56 -8.52 0.10
C VAL B 300 -1.71 -7.75 0.69
N TYR B 301 -2.18 -8.08 1.91
CA TYR B 301 -3.44 -7.44 2.30
C TYR B 301 -3.31 -5.91 2.44
N VAL B 302 -2.15 -5.40 2.86
CA VAL B 302 -1.97 -3.96 3.02
C VAL B 302 -2.26 -3.23 1.70
N GLN B 303 -1.53 -3.57 0.63
CA GLN B 303 -1.67 -2.91 -0.67
C GLN B 303 -2.92 -3.35 -1.42
N HIS B 304 -3.20 -4.65 -1.46
CA HIS B 304 -4.19 -5.22 -2.34
C HIS B 304 -5.59 -5.16 -1.75
N PHE B 305 -5.73 -5.40 -0.44
CA PHE B 305 -7.03 -5.29 0.20
C PHE B 305 -7.16 -3.96 0.94
N LYS B 306 -6.20 -3.03 0.79
CA LYS B 306 -6.27 -1.71 1.32
C LYS B 306 -6.40 -1.75 2.85
N CYS B 307 -5.81 -2.77 3.49
CA CYS B 307 -5.83 -2.86 4.96
C CYS B 307 -4.56 -2.18 5.47
N ASN B 308 -4.54 -0.82 5.39
CA ASN B 308 -3.24 -0.13 5.35
C ASN B 308 -3.16 1.03 6.31
N PHE B 309 -3.88 0.98 7.42
CA PHE B 309 -3.61 1.95 8.51
C PHE B 309 -2.14 1.95 8.88
N THR B 310 -1.57 0.75 9.02
CA THR B 310 -0.15 0.45 9.25
C THR B 310 0.08 -0.98 8.76
N SER B 311 1.32 -1.46 8.91
CA SER B 311 1.69 -2.82 8.52
C SER B 311 1.99 -3.59 9.79
N ILE B 312 2.08 -4.90 9.69
CA ILE B 312 2.49 -5.67 10.87
C ILE B 312 3.88 -5.28 11.30
N ARG B 313 4.80 -5.18 10.35
CA ARG B 313 6.20 -4.95 10.68
C ARG B 313 6.40 -3.59 11.34
N ALA B 314 5.67 -2.58 10.88
CA ALA B 314 5.82 -1.22 11.41
C ALA B 314 4.94 -0.91 12.62
N GLY B 315 3.81 -1.58 12.79
CA GLY B 315 2.74 -1.12 13.65
C GLY B 315 2.38 -2.06 14.79
N TYR B 316 2.80 -3.33 14.70
CA TYR B 316 2.37 -4.37 15.65
C TYR B 316 3.58 -5.18 16.08
N PRO B 317 4.45 -4.61 16.91
CA PRO B 317 5.67 -5.33 17.33
C PRO B 317 5.48 -6.72 17.93
N PHE B 318 4.45 -6.95 18.75
CA PHE B 318 4.35 -8.26 19.36
C PHE B 318 3.79 -9.30 18.38
N ILE B 319 2.78 -8.91 17.59
CA ILE B 319 2.36 -9.76 16.49
C ILE B 319 3.54 -10.06 15.60
N HIS B 320 4.31 -9.02 15.27
CA HIS B 320 5.46 -9.16 14.38
C HIS B 320 6.46 -10.18 14.92
N LEU B 321 6.77 -10.11 16.21
CA LEU B 321 7.67 -11.10 16.80
C LEU B 321 7.06 -12.49 16.77
N TRP B 322 5.77 -12.58 17.15
CA TRP B 322 5.08 -13.86 17.19
C TRP B 322 5.13 -14.53 15.82
N VAL B 323 4.83 -13.76 14.75
CA VAL B 323 4.74 -14.36 13.44
C VAL B 323 6.11 -14.75 12.89
N ARG B 324 7.16 -13.99 13.21
CA ARG B 324 8.48 -14.35 12.76
C ARG B 324 8.98 -15.61 13.49
N ASN B 325 8.65 -15.73 14.77
CA ASN B 325 9.03 -16.92 15.52
C ASN B 325 8.44 -18.15 14.86
N LEU B 326 7.16 -18.10 14.56
CA LEU B 326 6.53 -19.26 13.92
C LEU B 326 7.15 -19.52 12.55
N TYR B 327 7.33 -18.46 11.75
CA TYR B 327 7.84 -18.65 10.39
C TYR B 327 9.25 -19.21 10.41
N TRP B 328 10.15 -18.61 11.20
CA TRP B 328 11.56 -19.01 11.08
C TRP B 328 11.88 -20.23 11.93
N ASN B 329 11.17 -20.48 12.99
CA ASN B 329 11.57 -21.55 13.88
C ASN B 329 10.71 -22.81 13.79
N TYR B 330 9.67 -22.85 12.97
CA TYR B 330 8.81 -24.03 12.88
C TYR B 330 8.72 -24.39 11.41
N ASP B 331 9.27 -25.55 11.05
CA ASP B 331 9.28 -25.94 9.65
C ASP B 331 7.88 -26.06 9.08
N ALA B 332 6.89 -26.45 9.88
CA ALA B 332 5.53 -26.64 9.35
C ALA B 332 4.93 -25.32 8.82
N PHE B 333 5.38 -24.20 9.37
CA PHE B 333 4.98 -22.86 8.91
C PHE B 333 5.82 -22.41 7.74
N ARG B 334 7.13 -22.46 7.91
CA ARG B 334 8.04 -21.91 6.93
C ARG B 334 7.88 -22.58 5.58
N TYR B 335 7.90 -23.89 5.58
CA TYR B 335 7.95 -24.64 4.35
C TYR B 335 6.59 -24.93 3.74
N THR B 336 5.53 -24.41 4.33
CA THR B 336 4.25 -24.37 3.69
C THR B 336 3.89 -22.96 3.23
N THR B 337 4.71 -21.97 3.54
CA THR B 337 4.45 -20.57 3.19
C THR B 337 5.14 -20.25 1.87
N ASP B 338 4.37 -19.97 0.81
CA ASP B 338 4.99 -19.62 -0.49
C ASP B 338 4.58 -18.23 -0.89
N PHE B 339 5.53 -17.28 -0.74
CA PHE B 339 5.20 -15.90 -0.96
C PHE B 339 4.99 -15.61 -2.43
N ASP B 340 5.56 -16.40 -3.35
CA ASP B 340 5.26 -16.19 -4.76
C ASP B 340 3.79 -16.54 -5.06
N HIS B 341 3.34 -17.71 -4.61
CA HIS B 341 1.94 -18.06 -4.79
C HIS B 341 1.03 -17.03 -4.15
N ILE B 342 1.34 -16.61 -2.93
CA ILE B 342 0.55 -15.59 -2.25
C ILE B 342 0.42 -14.31 -3.08
N LYS B 343 1.53 -13.68 -3.43
CA LYS B 343 1.45 -12.39 -4.10
C LYS B 343 0.86 -12.51 -5.51
N LEU B 344 1.22 -13.57 -6.24
CA LEU B 344 0.70 -13.73 -7.59
C LEU B 344 -0.79 -14.01 -7.57
N HIS B 345 -1.26 -14.92 -6.71
CA HIS B 345 -2.67 -15.25 -6.73
C HIS B 345 -3.52 -14.01 -6.67
N TYR B 346 -3.30 -13.20 -5.61
CA TYR B 346 -4.22 -12.10 -5.36
C TYR B 346 -4.12 -11.04 -6.43
N THR B 347 -2.90 -10.63 -6.77
CA THR B 347 -2.69 -9.55 -7.70
C THR B 347 -3.03 -9.91 -9.13
N ARG B 348 -2.94 -11.18 -9.48
CA ARG B 348 -3.21 -11.61 -10.85
C ARG B 348 -4.65 -12.06 -11.03
N SER B 349 -5.35 -12.45 -9.97
CA SER B 349 -6.69 -13.00 -10.18
C SER B 349 -7.79 -12.01 -9.94
N HIS B 350 -7.57 -10.97 -9.14
CA HIS B 350 -8.66 -10.10 -8.75
C HIS B 350 -8.70 -8.85 -9.62
N THR B 351 -9.34 -9.02 -10.78
CA THR B 351 -9.39 -8.00 -11.82
C THR B 351 -10.09 -6.75 -11.42
N ARG B 352 -11.07 -6.86 -10.52
CA ARG B 352 -11.75 -5.66 -10.08
C ARG B 352 -10.98 -4.90 -9.03
N ILE B 353 -9.83 -5.43 -8.57
CA ILE B 353 -8.95 -4.68 -7.67
C ILE B 353 -7.71 -4.19 -8.40
N ASN B 354 -7.15 -5.02 -9.31
CA ASN B 354 -5.85 -4.77 -9.90
C ASN B 354 -6.08 -5.09 -11.36
N PRO B 355 -6.68 -4.15 -12.11
CA PRO B 355 -7.14 -4.48 -13.48
C PRO B 355 -6.07 -4.95 -14.41
N LEU B 356 -4.85 -4.43 -14.30
CA LEU B 356 -3.81 -4.81 -15.21
C LEU B 356 -2.98 -5.98 -14.73
N GLY B 357 -3.24 -6.48 -13.52
CA GLY B 357 -2.49 -7.65 -13.13
C GLY B 357 -1.01 -7.43 -13.01
N ILE B 358 -0.58 -6.28 -12.45
CA ILE B 358 0.82 -6.00 -12.19
C ILE B 358 1.05 -6.24 -10.69
N THR B 359 1.97 -7.14 -10.35
CA THR B 359 2.19 -7.55 -8.95
C THR B 359 3.19 -6.59 -8.29
N PRO B 360 2.86 -5.88 -7.20
CA PRO B 360 3.82 -5.00 -6.55
C PRO B 360 5.01 -5.79 -6.07
N LEU B 361 6.20 -5.21 -6.22
CA LEU B 361 7.42 -5.88 -5.77
C LEU B 361 7.60 -5.82 -4.27
N GLY B 362 7.06 -4.81 -3.61
CA GLY B 362 7.19 -4.72 -2.16
C GLY B 362 5.98 -5.22 -1.44
N PRO B 363 6.02 -5.22 -0.10
CA PRO B 363 7.16 -4.77 0.70
C PRO B 363 8.34 -5.74 0.59
N LYS B 364 9.52 -5.19 0.80
CA LYS B 364 10.75 -5.99 0.92
C LYS B 364 11.30 -5.97 2.33
N PRO B 365 11.66 -7.12 2.92
CA PRO B 365 11.44 -8.47 2.42
C PRO B 365 9.99 -8.96 2.70
N ASP B 366 9.61 -10.12 2.18
CA ASP B 366 8.25 -10.67 2.47
C ASP B 366 8.04 -10.88 3.94
N ILE B 367 9.06 -11.35 4.66
CA ILE B 367 9.01 -11.46 6.11
C ILE B 367 10.39 -11.16 6.63
N ARG B 368 10.47 -10.23 7.57
CA ARG B 368 11.77 -9.84 8.10
C ARG B 368 12.39 -10.96 8.90
N PRO B 369 13.71 -11.02 8.95
CA PRO B 369 14.40 -12.02 9.76
C PRO B 369 14.19 -11.81 11.25
N LEU B 370 14.46 -12.90 11.98
CA LEU B 370 14.41 -12.91 13.44
C LEU B 370 15.82 -12.78 14.05
N1 GSH C . 5.61 19.59 -16.44
CA1 GSH C . 4.35 20.06 -15.82
C1 GSH C . 4.71 20.94 -14.63
O11 GSH C . 4.07 21.99 -14.40
O12 GSH C . 5.66 20.57 -13.92
CB1 GSH C . 3.43 18.89 -15.37
CG1 GSH C . 2.08 19.41 -14.88
CD1 GSH C . 1.11 18.23 -14.85
OE1 GSH C . 1.22 17.32 -15.61
N2 GSH C . -0.01 18.22 -13.96
CA2 GSH C . -0.88 17.06 -13.96
C2 GSH C . -2.09 17.47 -14.79
O2 GSH C . -2.49 18.61 -14.77
CB2 GSH C . -1.45 16.65 -12.56
SG2 GSH C . -0.29 16.82 -11.14
N3 GSH C . -2.73 16.46 -15.58
CA3 GSH C . -3.87 16.75 -16.39
C3 GSH C . -3.80 15.81 -17.59
O31 GSH C . -2.69 15.34 -18.01
O32 GSH C . -4.89 15.55 -18.14
HN11 GSH C . 6.21 19.43 -15.80
HN12 GSH C . 5.93 20.21 -16.98
HA1 GSH C . 3.87 20.60 -16.47
HB12 GSH C . 3.86 18.40 -14.64
HB13 GSH C . 3.28 18.28 -16.11
HG12 GSH C . 2.16 19.79 -14.00
HG13 GSH C . 1.74 20.09 -15.50
HN2 GSH C . -0.12 18.86 -13.40
HA2 GSH C . -0.44 16.31 -14.38
HB22 GSH C . -2.23 17.21 -12.38
HB23 GSH C . -1.75 15.73 -12.60
HN3 GSH C . -2.42 15.66 -15.57
HA31 GSH C . -4.69 16.58 -15.89
HA32 GSH C . -3.85 17.67 -16.69
N1 GSH D . -14.78 -21.46 4.56
CA1 GSH D . -13.97 -22.21 3.62
C1 GSH D . -12.80 -22.82 4.39
O11 GSH D . -12.36 -22.23 5.44
O12 GSH D . -12.31 -23.93 4.05
CB1 GSH D . -13.58 -21.16 2.57
CG1 GSH D . -12.55 -21.71 1.55
CD1 GSH D . -12.43 -20.65 0.47
OE1 GSH D . -13.31 -19.84 0.30
N2 GSH D . -11.25 -20.69 -0.30
CA2 GSH D . -11.06 -19.73 -1.39
C2 GSH D . -11.53 -20.34 -2.70
O2 GSH D . -11.32 -21.48 -2.91
CB2 GSH D . -9.60 -19.30 -1.67
SG2 GSH D . -8.67 -18.87 -0.14
N3 GSH D . -12.13 -19.45 -3.66
CA3 GSH D . -12.60 -19.91 -4.96
C3 GSH D . -13.91 -19.19 -5.32
O31 GSH D . -14.36 -19.26 -6.50
O32 GSH D . -14.56 -18.53 -4.45
HN11 GSH D . -14.99 -21.97 5.25
HN12 GSH D . -15.53 -21.19 4.15
HA1 GSH D . -14.50 -22.91 3.20
HB12 GSH D . -14.38 -20.87 2.11
HB13 GSH D . -13.20 -20.40 3.03
HG12 GSH D . -11.70 -21.84 1.98
HG13 GSH D . -12.88 -22.53 1.17
HN2 GSH D . -10.66 -21.29 -0.16
HA2 GSH D . -11.59 -18.93 -1.22
HB22 GSH D . -9.61 -18.52 -2.25
HB23 GSH D . -9.15 -20.03 -2.12
HN3 GSH D . -12.24 -18.63 -3.44
HA31 GSH D . -11.92 -19.72 -5.63
HA32 GSH D . -12.75 -20.87 -4.93
#